data_5T6Z
#
_entry.id   5T6Z
#
_cell.length_a   51.812
_cell.length_b   61.382
_cell.length_c   65.359
_cell.angle_alpha   95.31
_cell.angle_beta   98.02
_cell.angle_gamma   109.23
#
_symmetry.space_group_name_H-M   'P 1'
#
loop_
_entity.id
_entity.type
_entity.pdbx_description
1 polymer 'HLA class I histocompatibility antigen, B-57 alpha chain'
2 polymer Beta-2-microglobulin
3 polymer 'Decapeptide: THR-SER-THR-LEU-GLN-GLU-GLN-ILE-GLY-TRP'
4 polymer 'Killer cell immunoglobulin-like receptor 3DL1'
5 non-polymer 2-acetamido-2-deoxy-beta-D-glucopyranose
6 water water
#
loop_
_entity_poly.entity_id
_entity_poly.type
_entity_poly.pdbx_seq_one_letter_code
_entity_poly.pdbx_strand_id
1 'polypeptide(L)'
;GSHSMRYFYTAMSRPGRGEPRFIAVGYVDDTQFVRFDSDAASPRMAPRAPWIEQEGPEYWDGETRNMKASAQTYRENLRI
ALRYYNQSEAGSHIIQVMYGCDVGPDGRLLRGHDQSAYDGKDYIALNEDLSSWTAADTAAQITQRKWEAARVAEQLRAYL
EGLCVEWLRRYLENGKETLQRADPPKTHVTHHPISDHEATLRCWALGFYPAEITLTWQRDGEDQTQDTELVETRPAGDRT
FQKWAAVVVPSGEEQRYTCHVQHEGLPKPLTLRWEP
;
A
2 'polypeptide(L)'
;IQRTPKIQVYSRHPAENGKSNFLNCYVSGFHPSDIEVDLLKNGERIEKVEHSDLSFSKDWSFYLLYYTEFTPTEKDEYAC
RVNHVTLSQPKIVKWDRDM
;
B
3 'polypeptide(L)' TSTLQEQIGW C
4 'polypeptide(L)'
;HMGGQDKPFLSAWPSAVVPRGGHVTLRCHYRHRFNNFMLYKEDRIHIPIFHGRIFQESFNMSPVTTAHAGNYTCRGSHPH
SPTGWSAPSNPVVIMVTGNHRKPSLLAHPGPLVKSGERVILQCWSDIMFEHFFLHKEGISKDPSRLVGQIHDGVSKANFS
IGPMMLALAGTYRCYGSVTHTPYQLSAPSDPLDIVVTGPYEKPSLSAQPGPKVQAGESVTLSCSSRSSYDMYHLSREGGA
HERRLPAVRKVNRTFQADFPLGPATHGGTYRCFGSFRHSPYEWSDPSDPLLVSVTGNPS
;
G
#
loop_
_chem_comp.id
_chem_comp.type
_chem_comp.name
_chem_comp.formula
NAG D-saccharide, beta linking 2-acetamido-2-deoxy-beta-D-glucopyranose 'C8 H15 N O6'
#
# COMPACT_ATOMS: atom_id res chain seq x y z
N GLY A 1 -25.11 -5.62 -21.67
CA GLY A 1 -24.90 -4.97 -20.40
C GLY A 1 -23.52 -4.38 -20.41
N SER A 2 -23.28 -3.45 -19.50
CA SER A 2 -22.01 -2.82 -19.22
C SER A 2 -21.18 -3.57 -18.18
N HIS A 3 -19.88 -3.41 -18.21
CA HIS A 3 -19.00 -4.16 -17.36
C HIS A 3 -17.88 -3.26 -16.94
N SER A 4 -17.13 -3.67 -15.95
CA SER A 4 -16.02 -2.89 -15.43
C SER A 4 -14.88 -3.81 -14.98
N MET A 5 -13.68 -3.27 -15.00
CA MET A 5 -12.53 -3.90 -14.37
C MET A 5 -11.94 -2.87 -13.43
N ARG A 6 -11.54 -3.31 -12.25
CA ARG A 6 -10.94 -2.40 -11.29
C ARG A 6 -9.81 -3.11 -10.59
N TYR A 7 -8.74 -2.37 -10.33
CA TYR A 7 -7.69 -2.86 -9.46
C TYR A 7 -7.70 -1.96 -8.24
N PHE A 8 -7.47 -2.56 -7.08
CA PHE A 8 -7.49 -1.85 -5.81
C PHE A 8 -6.17 -2.13 -5.12
N TYR A 9 -5.44 -1.06 -4.78
CA TYR A 9 -4.19 -1.23 -4.07
C TYR A 9 -4.34 -0.63 -2.69
N THR A 10 -3.75 -1.30 -1.72
CA THR A 10 -3.67 -0.79 -0.37
C THR A 10 -2.20 -0.90 0.04
N ALA A 11 -1.62 0.23 0.39
CA ALA A 11 -0.24 0.25 0.88
C ALA A 11 -0.25 0.83 2.28
N MET A 12 0.32 0.09 3.22
CA MET A 12 0.21 0.46 4.62
C MET A 12 1.58 0.40 5.29
N SER A 13 1.88 1.41 6.10
CA SER A 13 3.03 1.35 6.97
C SER A 13 2.54 0.92 8.35
N ARG A 14 3.43 0.30 9.11
CA ARG A 14 3.10 -0.14 10.47
C ARG A 14 4.40 -0.24 11.28
N PRO A 15 5.06 0.90 11.53
CA PRO A 15 6.35 0.94 12.24
C PRO A 15 6.34 0.12 13.52
N GLY A 16 7.29 -0.79 13.64
CA GLY A 16 7.43 -1.61 14.83
C GLY A 16 6.54 -2.84 14.87
N ARG A 17 5.61 -2.94 13.92
CA ARG A 17 4.68 -4.07 13.86
C ARG A 17 4.97 -4.96 12.65
N GLY A 18 5.53 -4.37 11.61
CA GLY A 18 5.87 -5.12 10.41
C GLY A 18 6.48 -4.24 9.35
N GLU A 19 6.87 -4.87 8.24
CA GLU A 19 7.42 -4.16 7.11
C GLU A 19 6.24 -3.53 6.41
N PRO A 20 6.46 -2.45 5.63
CA PRO A 20 5.30 -1.88 4.95
C PRO A 20 4.70 -2.96 4.05
N ARG A 21 3.40 -2.91 3.83
CA ARG A 21 2.73 -3.98 3.12
C ARG A 21 1.95 -3.40 1.97
N PHE A 22 1.93 -4.14 0.88
CA PHE A 22 1.20 -3.75 -0.31
C PHE A 22 0.33 -4.91 -0.75
N ILE A 23 -0.97 -4.66 -0.86
CA ILE A 23 -1.88 -5.67 -1.32
C ILE A 23 -2.64 -5.12 -2.52
N ALA A 24 -2.77 -5.94 -3.54
CA ALA A 24 -3.53 -5.53 -4.71
C ALA A 24 -4.55 -6.61 -5.02
N VAL A 25 -5.73 -6.20 -5.42
CA VAL A 25 -6.76 -7.13 -5.85
C VAL A 25 -7.40 -6.61 -7.13
N GLY A 26 -7.82 -7.53 -7.99
CA GLY A 26 -8.44 -7.16 -9.23
C GLY A 26 -9.84 -7.71 -9.30
N TYR A 27 -10.77 -6.93 -9.84
CA TYR A 27 -12.16 -7.33 -9.93
C TYR A 27 -12.62 -7.15 -11.38
N VAL A 28 -13.40 -8.10 -11.86
CA VAL A 28 -14.26 -7.84 -13.01
C VAL A 28 -15.68 -7.84 -12.48
N ASP A 29 -16.39 -6.74 -12.68
CA ASP A 29 -17.68 -6.49 -12.02
C ASP A 29 -17.58 -6.77 -10.51
N ASP A 30 -18.40 -7.69 -10.00
CA ASP A 30 -18.39 -7.98 -8.58
C ASP A 30 -17.59 -9.23 -8.25
N THR A 31 -16.77 -9.66 -9.20
CA THR A 31 -16.01 -10.90 -9.05
C THR A 31 -14.51 -10.63 -8.95
N GLN A 32 -13.91 -11.01 -7.82
CA GLN A 32 -12.47 -10.83 -7.67
C GLN A 32 -11.76 -11.94 -8.45
N PHE A 33 -10.67 -11.60 -9.13
CA PHE A 33 -10.04 -12.60 -9.98
C PHE A 33 -8.53 -12.78 -9.79
N VAL A 34 -7.89 -11.80 -9.13
CA VAL A 34 -6.46 -11.87 -8.81
C VAL A 34 -6.16 -11.21 -7.47
N ARG A 35 -5.01 -11.58 -6.89
CA ARG A 35 -4.52 -10.93 -5.69
C ARG A 35 -3.00 -10.95 -5.65
N PHE A 36 -2.43 -9.96 -4.97
CA PHE A 36 -1.00 -9.94 -4.69
C PHE A 36 -0.81 -9.40 -3.28
N ASP A 37 0.01 -10.07 -2.47
CA ASP A 37 0.21 -9.62 -1.10
C ASP A 37 1.72 -9.68 -0.81
N SER A 38 2.30 -8.54 -0.45
CA SER A 38 3.74 -8.46 -0.28
C SER A 38 4.23 -9.22 0.96
N ASP A 39 3.32 -9.57 1.86
CA ASP A 39 3.68 -10.27 3.10
C ASP A 39 4.02 -11.75 2.90
N ALA A 40 3.44 -12.37 1.88
CA ALA A 40 3.77 -13.75 1.52
C ALA A 40 5.29 -13.91 1.46
N ALA A 41 5.79 -15.08 1.83
CA ALA A 41 7.24 -15.32 1.81
C ALA A 41 7.82 -15.08 0.44
N SER A 42 7.15 -15.59 -0.58
CA SER A 42 7.55 -15.36 -1.97
C SER A 42 6.35 -14.85 -2.75
N PRO A 43 6.12 -13.53 -2.72
CA PRO A 43 4.90 -12.90 -3.25
C PRO A 43 4.75 -13.09 -4.76
N ARG A 44 3.54 -13.42 -5.20
CA ARG A 44 3.23 -13.56 -6.61
C ARG A 44 1.80 -13.09 -6.84
N MET A 45 1.51 -12.58 -8.03
CA MET A 45 0.11 -12.38 -8.39
C MET A 45 -0.47 -13.78 -8.55
N ALA A 46 -1.66 -13.98 -8.02
CA ALA A 46 -2.27 -15.32 -7.98
C ALA A 46 -3.73 -15.23 -8.37
N PRO A 47 -4.26 -16.30 -8.99
CA PRO A 47 -5.65 -16.36 -9.44
C PRO A 47 -6.61 -16.46 -8.26
N ARG A 48 -7.74 -15.75 -8.33
CA ARG A 48 -8.75 -15.86 -7.30
C ARG A 48 -10.11 -16.18 -7.90
N ALA A 49 -10.11 -16.46 -9.19
CA ALA A 49 -11.29 -16.98 -9.87
C ALA A 49 -10.83 -18.05 -10.85
N PRO A 50 -11.62 -19.13 -11.01
CA PRO A 50 -11.24 -20.28 -11.83
C PRO A 50 -10.97 -19.93 -13.29
N TRP A 51 -11.71 -18.98 -13.86
CA TRP A 51 -11.59 -18.67 -15.29
C TRP A 51 -10.30 -17.96 -15.69
N ILE A 52 -9.49 -17.57 -14.72
CA ILE A 52 -8.20 -16.96 -15.02
C ILE A 52 -7.04 -17.94 -14.82
N GLU A 53 -7.33 -19.10 -14.24
CA GLU A 53 -6.26 -20.02 -13.85
C GLU A 53 -5.48 -20.58 -15.04
N GLN A 54 -6.12 -20.69 -16.20
CA GLN A 54 -5.47 -21.27 -17.37
C GLN A 54 -4.77 -20.24 -18.23
N GLU A 55 -4.61 -19.04 -17.69
CA GLU A 55 -3.83 -18.02 -18.37
C GLU A 55 -2.39 -18.49 -18.23
N GLY A 56 -1.60 -18.28 -19.26
CA GLY A 56 -0.25 -18.83 -19.31
C GLY A 56 0.76 -18.21 -18.38
N PRO A 57 1.93 -18.86 -18.24
CA PRO A 57 2.97 -18.45 -17.30
C PRO A 57 3.52 -17.04 -17.58
N GLU A 58 3.51 -16.63 -18.84
CA GLU A 58 3.97 -15.30 -19.20
C GLU A 58 3.11 -14.21 -18.58
N TYR A 59 1.82 -14.52 -18.40
CA TYR A 59 0.89 -13.61 -17.73
C TYR A 59 1.26 -13.42 -16.27
N TRP A 60 1.39 -14.53 -15.56
CA TRP A 60 1.69 -14.50 -14.14
C TRP A 60 3.04 -13.89 -13.84
N ASP A 61 4.03 -14.16 -14.68
CA ASP A 61 5.37 -13.63 -14.46
C ASP A 61 5.29 -12.12 -14.63
N GLY A 62 4.65 -11.70 -15.71
CA GLY A 62 4.47 -10.28 -16.00
C GLY A 62 3.68 -9.54 -14.92
N GLU A 63 2.56 -10.06 -14.46
CA GLU A 63 1.81 -9.44 -13.40
C GLU A 63 2.60 -9.38 -12.09
N THR A 64 3.28 -10.45 -11.77
CA THR A 64 4.14 -10.47 -10.59
C THR A 64 5.25 -9.42 -10.59
N ARG A 65 5.95 -9.23 -11.71
CA ARG A 65 7.00 -8.21 -11.76
C ARG A 65 6.44 -6.82 -11.54
N ASN A 66 5.31 -6.54 -12.18
CA ASN A 66 4.66 -5.26 -12.03
C ASN A 66 4.25 -4.98 -10.60
N MET A 67 3.67 -5.98 -9.94
CA MET A 67 3.25 -5.79 -8.56
C MET A 67 4.45 -5.59 -7.63
N LYS A 68 5.54 -6.30 -7.89
CA LYS A 68 6.74 -6.13 -7.08
C LYS A 68 7.26 -4.70 -7.21
N ALA A 69 7.25 -4.19 -8.44
CA ALA A 69 7.66 -2.82 -8.71
C ALA A 69 6.71 -1.82 -8.07
N SER A 70 5.41 -2.08 -8.20
CA SER A 70 4.38 -1.23 -7.63
C SER A 70 4.46 -1.16 -6.11
N ALA A 71 4.72 -2.31 -5.49
CA ALA A 71 4.91 -2.37 -4.04
C ALA A 71 6.03 -1.43 -3.63
N GLN A 72 7.13 -1.50 -4.37
CA GLN A 72 8.27 -0.63 -4.15
C GLN A 72 7.91 0.83 -4.30
N THR A 73 7.18 1.15 -5.36
CA THR A 73 6.78 2.52 -5.66
C THR A 73 5.95 3.13 -4.54
N TYR A 74 4.97 2.37 -4.08
CA TYR A 74 4.07 2.81 -3.02
C TYR A 74 4.70 2.85 -1.63
N ARG A 75 5.67 1.99 -1.36
CA ARG A 75 6.45 2.14 -0.14
C ARG A 75 7.12 3.51 -0.11
N GLU A 76 7.72 3.92 -1.24
CA GLU A 76 8.29 5.25 -1.33
C GLU A 76 7.25 6.37 -1.23
N ASN A 77 6.09 6.18 -1.84
CA ASN A 77 5.00 7.17 -1.73
C ASN A 77 4.56 7.42 -0.29
N LEU A 78 4.56 6.36 0.53
CA LEU A 78 4.25 6.51 1.95
C LEU A 78 5.27 7.41 2.63
N ARG A 79 6.54 7.21 2.29
CA ARG A 79 7.60 8.08 2.80
C ARG A 79 7.40 9.52 2.36
N ILE A 80 7.09 9.70 1.07
CA ILE A 80 6.83 11.02 0.51
C ILE A 80 5.67 11.71 1.21
N ALA A 81 4.59 10.97 1.43
CA ALA A 81 3.40 11.49 2.09
C ALA A 81 3.71 12.02 3.48
N LEU A 82 4.57 11.29 4.20
CA LEU A 82 5.06 11.76 5.50
C LEU A 82 5.66 13.16 5.41
N ARG A 83 6.50 13.37 4.39
CA ARG A 83 7.10 14.69 4.21
C ARG A 83 6.08 15.76 3.86
N TYR A 84 5.16 15.42 2.95
CA TYR A 84 4.13 16.36 2.53
C TYR A 84 3.30 16.83 3.73
N TYR A 85 2.97 15.91 4.62
CA TYR A 85 2.07 16.24 5.72
C TYR A 85 2.77 16.54 7.05
N ASN A 86 4.11 16.53 7.02
CA ASN A 86 4.91 16.74 8.23
C ASN A 86 4.49 15.80 9.36
N GLN A 87 4.45 14.50 9.06
CA GLN A 87 4.05 13.50 10.04
C GLN A 87 5.26 12.71 10.52
N SER A 88 5.19 12.12 11.71
CA SER A 88 6.35 11.38 12.22
C SER A 88 6.42 9.99 11.59
N GLU A 89 7.61 9.41 11.59
CA GLU A 89 7.83 8.09 11.00
C GLU A 89 7.42 6.99 11.95
N ALA A 90 6.86 7.37 13.08
CA ALA A 90 6.38 6.41 14.08
C ALA A 90 4.94 5.98 13.81
N GLY A 91 4.20 6.83 13.09
CA GLY A 91 2.79 6.59 12.89
C GLY A 91 2.49 5.63 11.76
N SER A 92 1.28 5.08 11.76
CA SER A 92 0.86 4.15 10.71
C SER A 92 -0.07 4.85 9.74
N HIS A 93 0.19 4.69 8.45
CA HIS A 93 -0.58 5.37 7.42
C HIS A 93 -0.95 4.45 6.26
N ILE A 94 -1.95 4.86 5.49
CA ILE A 94 -2.46 4.02 4.40
C ILE A 94 -2.68 4.83 3.12
N ILE A 95 -2.13 4.34 2.02
CA ILE A 95 -2.48 4.84 0.69
C ILE A 95 -3.36 3.82 -0.02
N GLN A 96 -4.45 4.29 -0.61
CA GLN A 96 -5.31 3.42 -1.37
C GLN A 96 -5.45 3.95 -2.78
N VAL A 97 -5.48 3.05 -3.75
CA VAL A 97 -5.64 3.44 -5.14
C VAL A 97 -6.66 2.52 -5.77
N MET A 98 -7.55 3.10 -6.56
CA MET A 98 -8.39 2.29 -7.42
C MET A 98 -8.37 2.85 -8.83
N TYR A 99 -8.26 1.98 -9.82
CA TYR A 99 -8.23 2.45 -11.19
C TYR A 99 -8.84 1.38 -12.06
N GLY A 100 -9.19 1.76 -13.28
CA GLY A 100 -9.72 0.79 -14.22
C GLY A 100 -10.67 1.43 -15.20
N CYS A 101 -11.43 0.58 -15.89
CA CYS A 101 -12.25 0.98 -16.99
C CYS A 101 -13.66 0.39 -16.95
N ASP A 102 -14.62 1.15 -17.47
CA ASP A 102 -15.99 0.66 -17.68
C ASP A 102 -16.22 0.57 -19.19
N VAL A 103 -16.87 -0.50 -19.65
CA VAL A 103 -17.17 -0.61 -21.06
C VAL A 103 -18.67 -0.87 -21.26
N GLY A 104 -19.17 -0.49 -22.42
CA GLY A 104 -20.56 -0.73 -22.77
C GLY A 104 -20.75 -2.08 -23.43
N PRO A 105 -22.01 -2.39 -23.79
CA PRO A 105 -22.42 -3.64 -24.47
C PRO A 105 -21.58 -3.98 -25.69
N ASP A 106 -21.08 -2.97 -26.39
CA ASP A 106 -20.28 -3.18 -27.60
C ASP A 106 -18.81 -3.38 -27.28
N GLY A 107 -18.49 -3.41 -25.99
CA GLY A 107 -17.12 -3.61 -25.55
C GLY A 107 -16.25 -2.38 -25.60
N ARG A 108 -16.84 -1.25 -25.99
CA ARG A 108 -16.07 -0.01 -26.08
C ARG A 108 -16.07 0.77 -24.77
N LEU A 109 -14.97 1.49 -24.52
CA LEU A 109 -14.78 2.27 -23.30
C LEU A 109 -15.89 3.29 -23.04
N LEU A 110 -16.42 3.29 -21.82
CA LEU A 110 -17.39 4.29 -21.39
C LEU A 110 -16.72 5.32 -20.49
N ARG A 111 -15.92 4.83 -19.55
CA ARG A 111 -15.22 5.71 -18.61
C ARG A 111 -13.99 5.04 -18.01
N GLY A 112 -12.95 5.84 -17.78
CA GLY A 112 -11.74 5.39 -17.14
C GLY A 112 -11.62 6.03 -15.77
N HIS A 113 -10.91 5.37 -14.87
CA HIS A 113 -10.84 5.82 -13.48
C HIS A 113 -9.43 5.66 -12.96
N ASP A 114 -9.00 6.62 -12.15
CA ASP A 114 -7.76 6.50 -11.39
C ASP A 114 -7.85 7.47 -10.22
N GLN A 115 -8.09 6.92 -9.04
CA GLN A 115 -8.30 7.70 -7.82
C GLN A 115 -7.40 7.20 -6.71
N SER A 116 -6.86 8.13 -5.94
CA SER A 116 -6.03 7.78 -4.80
C SER A 116 -6.48 8.46 -3.53
N ALA A 117 -6.20 7.82 -2.39
CA ALA A 117 -6.60 8.34 -1.10
C ALA A 117 -5.43 8.21 -0.14
N TYR A 118 -5.36 9.10 0.83
CA TYR A 118 -4.37 9.01 1.89
C TYR A 118 -5.09 9.04 3.22
N ASP A 119 -4.84 8.02 4.04
CA ASP A 119 -5.51 7.84 5.32
C ASP A 119 -7.03 7.94 5.22
N GLY A 120 -7.58 7.33 4.17
CA GLY A 120 -9.01 7.19 3.94
C GLY A 120 -9.82 8.37 3.41
N LYS A 121 -9.16 9.46 3.02
CA LYS A 121 -9.84 10.58 2.42
C LYS A 121 -9.21 10.81 1.04
N ASP A 122 -10.00 11.35 0.12
CA ASP A 122 -9.55 11.67 -1.23
C ASP A 122 -8.24 12.43 -1.24
N TYR A 123 -7.33 12.00 -2.12
CA TYR A 123 -6.07 12.69 -2.29
C TYR A 123 -5.98 13.29 -3.69
N ILE A 124 -5.99 12.45 -4.71
CA ILE A 124 -5.95 12.94 -6.09
C ILE A 124 -6.64 11.96 -7.04
N ALA A 125 -7.31 12.49 -8.06
CA ALA A 125 -8.07 11.67 -8.98
C ALA A 125 -7.90 12.16 -10.41
N LEU A 126 -7.85 11.22 -11.35
CA LEU A 126 -7.84 11.56 -12.76
C LEU A 126 -9.27 11.96 -13.13
N ASN A 127 -9.41 13.07 -13.85
CA ASN A 127 -10.72 13.55 -14.26
C ASN A 127 -11.30 12.72 -15.39
N GLU A 128 -12.60 12.84 -15.61
CA GLU A 128 -13.29 12.12 -16.68
C GLU A 128 -12.64 12.32 -18.04
N ASP A 129 -12.07 13.49 -18.29
CA ASP A 129 -11.40 13.71 -19.57
C ASP A 129 -10.10 12.91 -19.75
N LEU A 130 -9.67 12.26 -18.67
CA LEU A 130 -8.42 11.48 -18.66
C LEU A 130 -7.21 12.31 -19.09
N SER A 131 -7.25 13.61 -18.80
CA SER A 131 -6.13 14.48 -19.17
C SER A 131 -5.84 15.57 -18.15
N SER A 132 -6.53 15.51 -17.01
CA SER A 132 -6.31 16.50 -15.96
C SER A 132 -6.64 15.89 -14.60
N TRP A 133 -6.20 16.55 -13.54
CA TRP A 133 -6.33 16.00 -12.21
C TRP A 133 -7.18 16.88 -11.31
N THR A 134 -7.81 16.26 -10.32
CA THR A 134 -8.38 17.02 -9.22
C THR A 134 -7.66 16.65 -7.93
N ALA A 135 -6.97 17.63 -7.34
CA ALA A 135 -6.23 17.43 -6.09
C ALA A 135 -7.04 17.92 -4.91
N ALA A 136 -7.10 17.12 -3.85
CA ALA A 136 -8.00 17.42 -2.74
C ALA A 136 -7.43 18.41 -1.71
N ASP A 137 -6.12 18.59 -1.71
CA ASP A 137 -5.46 19.47 -0.74
C ASP A 137 -4.10 19.95 -1.24
N THR A 138 -3.40 20.73 -0.42
CA THR A 138 -2.12 21.32 -0.85
C THR A 138 -1.04 20.27 -1.06
N ALA A 139 -1.08 19.22 -0.25
CA ALA A 139 -0.14 18.12 -0.39
C ALA A 139 -0.32 17.48 -1.76
N ALA A 140 -1.57 17.13 -2.06
CA ALA A 140 -1.94 16.56 -3.35
C ALA A 140 -1.59 17.47 -4.52
N GLN A 141 -1.58 18.78 -4.27
CA GLN A 141 -1.26 19.73 -5.33
C GLN A 141 0.21 19.62 -5.76
N ILE A 142 1.08 19.21 -4.84
CA ILE A 142 2.47 18.92 -5.21
C ILE A 142 2.51 17.75 -6.18
N THR A 143 1.83 16.67 -5.84
CA THR A 143 1.75 15.50 -6.70
C THR A 143 1.21 15.88 -8.08
N GLN A 144 0.16 16.70 -8.10
CA GLN A 144 -0.44 17.14 -9.36
C GLN A 144 0.58 17.84 -10.25
N ARG A 145 1.35 18.75 -9.66
CA ARG A 145 2.38 19.47 -10.40
C ARG A 145 3.46 18.52 -10.96
N LYS A 146 3.87 17.54 -10.18
CA LYS A 146 4.80 16.53 -10.67
C LYS A 146 4.18 15.78 -11.86
N TRP A 147 2.95 15.31 -11.68
CA TRP A 147 2.31 14.49 -12.70
C TRP A 147 2.06 15.24 -13.99
N GLU A 148 1.79 16.53 -13.88
CA GLU A 148 1.63 17.35 -15.08
C GLU A 148 2.97 17.52 -15.77
N ALA A 149 4.02 17.78 -14.99
CA ALA A 149 5.36 17.91 -15.53
C ALA A 149 5.88 16.62 -16.16
N ALA A 150 5.44 15.48 -15.62
CA ALA A 150 5.88 14.19 -16.14
C ALA A 150 4.93 13.59 -17.18
N ARG A 151 3.88 14.32 -17.55
CA ARG A 151 2.88 13.81 -18.50
C ARG A 151 2.30 12.44 -18.09
N VAL A 152 1.95 12.30 -16.82
CA VAL A 152 1.40 11.05 -16.30
C VAL A 152 0.01 10.75 -16.89
N ALA A 153 -0.82 11.77 -17.07
CA ALA A 153 -2.19 11.53 -17.50
C ALA A 153 -2.25 10.88 -18.89
N GLU A 154 -1.33 11.27 -19.77
CA GLU A 154 -1.23 10.68 -21.10
C GLU A 154 -0.96 9.18 -20.97
N GLN A 155 -0.06 8.82 -20.04
CA GLN A 155 0.28 7.43 -19.84
C GLN A 155 -0.94 6.66 -19.32
N LEU A 156 -1.66 7.26 -18.39
CA LEU A 156 -2.85 6.61 -17.84
C LEU A 156 -3.96 6.48 -18.88
N ARG A 157 -4.11 7.53 -19.68
CA ARG A 157 -5.10 7.53 -20.75
C ARG A 157 -4.83 6.44 -21.77
N ALA A 158 -3.56 6.28 -22.15
CA ALA A 158 -3.17 5.21 -23.08
C ALA A 158 -3.47 3.83 -22.53
N TYR A 159 -3.20 3.63 -21.25
CA TYR A 159 -3.54 2.37 -20.58
C TYR A 159 -5.04 2.13 -20.59
N LEU A 160 -5.80 3.17 -20.23
CA LEU A 160 -7.24 3.04 -20.06
C LEU A 160 -7.98 2.79 -21.37
N GLU A 161 -7.47 3.38 -22.45
CA GLU A 161 -8.07 3.21 -23.77
C GLU A 161 -7.67 1.89 -24.39
N GLY A 162 -6.51 1.37 -23.99
CA GLY A 162 -5.91 0.23 -24.63
C GLY A 162 -5.98 -1.07 -23.85
N LEU A 163 -4.90 -1.37 -23.13
CA LEU A 163 -4.79 -2.60 -22.32
C LEU A 163 -5.97 -2.87 -21.39
N CYS A 164 -6.48 -1.84 -20.73
CA CYS A 164 -7.54 -2.03 -19.74
C CYS A 164 -8.78 -2.62 -20.40
N VAL A 165 -9.17 -2.01 -21.52
CA VAL A 165 -10.33 -2.41 -22.29
C VAL A 165 -10.06 -3.79 -22.89
N GLU A 166 -8.87 -3.95 -23.44
CA GLU A 166 -8.48 -5.19 -24.11
C GLU A 166 -8.51 -6.37 -23.13
N TRP A 167 -7.94 -6.19 -21.94
CA TRP A 167 -7.99 -7.28 -20.95
C TRP A 167 -9.37 -7.56 -20.33
N LEU A 168 -10.14 -6.52 -20.06
CA LEU A 168 -11.51 -6.72 -19.58
C LEU A 168 -12.32 -7.54 -20.56
N ARG A 169 -12.19 -7.22 -21.85
CA ARG A 169 -12.88 -7.97 -22.89
C ARG A 169 -12.44 -9.43 -22.84
N ARG A 170 -11.13 -9.66 -22.73
CA ARG A 170 -10.60 -11.02 -22.66
C ARG A 170 -11.13 -11.80 -21.45
N TYR A 171 -11.19 -11.14 -20.29
CA TYR A 171 -11.66 -11.81 -19.07
C TYR A 171 -13.14 -12.11 -19.17
N LEU A 172 -13.90 -11.18 -19.74
CA LEU A 172 -15.33 -11.37 -19.88
C LEU A 172 -15.63 -12.57 -20.76
N GLU A 173 -14.81 -12.77 -21.79
CA GLU A 173 -14.95 -13.96 -22.61
C GLU A 173 -14.53 -15.22 -21.85
N ASN A 174 -13.35 -15.19 -21.23
CA ASN A 174 -12.87 -16.35 -20.47
C ASN A 174 -13.89 -16.84 -19.45
N GLY A 175 -14.55 -15.90 -18.77
CA GLY A 175 -15.48 -16.25 -17.72
C GLY A 175 -16.95 -16.06 -18.05
N LYS A 176 -17.29 -16.15 -19.33
CA LYS A 176 -18.62 -15.78 -19.81
C LYS A 176 -19.78 -16.40 -19.01
N GLU A 177 -19.69 -17.70 -18.74
CA GLU A 177 -20.80 -18.42 -18.14
C GLU A 177 -21.04 -18.14 -16.65
N THR A 178 -20.09 -17.46 -16.03
CA THR A 178 -20.29 -16.93 -14.69
C THR A 178 -20.46 -15.42 -14.71
N LEU A 179 -19.55 -14.72 -15.40
CA LEU A 179 -19.56 -13.26 -15.40
C LEU A 179 -20.72 -12.66 -16.17
N GLN A 180 -21.18 -13.34 -17.21
CA GLN A 180 -22.19 -12.78 -18.10
C GLN A 180 -23.53 -13.51 -18.04
N ARG A 181 -23.74 -14.31 -16.99
CA ARG A 181 -25.01 -15.00 -16.81
C ARG A 181 -25.59 -14.69 -15.46
N ALA A 182 -26.48 -13.72 -15.36
CA ALA A 182 -26.99 -13.38 -14.04
C ALA A 182 -27.74 -14.56 -13.43
N ASP A 183 -27.53 -14.79 -12.14
CA ASP A 183 -28.28 -15.78 -11.38
C ASP A 183 -29.30 -15.02 -10.55
N PRO A 184 -30.59 -15.26 -10.81
CA PRO A 184 -31.63 -14.56 -10.06
C PRO A 184 -31.62 -15.00 -8.60
N PRO A 185 -32.11 -14.13 -7.69
CA PRO A 185 -32.20 -14.51 -6.28
C PRO A 185 -33.27 -15.54 -6.03
N LYS A 186 -32.99 -16.45 -5.10
CA LYS A 186 -34.03 -17.27 -4.51
C LYS A 186 -34.64 -16.48 -3.39
N THR A 187 -35.95 -16.39 -3.37
CA THR A 187 -36.61 -15.47 -2.44
C THR A 187 -37.63 -16.16 -1.53
N HIS A 188 -37.81 -15.59 -0.35
CA HIS A 188 -38.88 -15.98 0.56
C HIS A 188 -39.13 -14.93 1.64
N VAL A 189 -40.28 -15.03 2.27
CA VAL A 189 -40.65 -14.13 3.36
C VAL A 189 -40.79 -14.89 4.68
N THR A 190 -40.20 -14.37 5.74
CA THR A 190 -40.34 -14.96 7.06
C THR A 190 -41.07 -14.01 8.00
N HIS A 191 -41.63 -14.56 9.08
CA HIS A 191 -42.48 -13.80 9.98
C HIS A 191 -41.98 -14.02 11.40
N HIS A 192 -41.73 -12.91 12.11
CA HIS A 192 -41.17 -12.99 13.46
C HIS A 192 -41.89 -12.08 14.44
N PRO A 193 -42.56 -12.67 15.45
CA PRO A 193 -43.33 -11.82 16.36
C PRO A 193 -42.41 -10.88 17.14
N ILE A 194 -42.92 -9.69 17.46
CA ILE A 194 -42.22 -8.74 18.32
C ILE A 194 -42.88 -8.57 19.68
N SER A 195 -44.19 -8.33 19.65
CA SER A 195 -45.03 -8.34 20.84
C SER A 195 -46.30 -9.08 20.46
N ASP A 196 -47.35 -8.99 21.27
CA ASP A 196 -48.59 -9.53 20.76
C ASP A 196 -49.51 -8.51 20.07
N HIS A 197 -48.92 -7.42 19.58
CA HIS A 197 -49.66 -6.46 18.76
C HIS A 197 -48.89 -6.23 17.44
N GLU A 198 -47.58 -6.47 17.47
CA GLU A 198 -46.72 -6.26 16.30
C GLU A 198 -45.83 -7.44 15.90
N ALA A 199 -45.42 -7.47 14.63
CA ALA A 199 -44.50 -8.48 14.12
C ALA A 199 -43.61 -7.98 12.97
N THR A 200 -42.50 -8.68 12.75
CA THR A 200 -41.60 -8.38 11.64
C THR A 200 -41.77 -9.32 10.45
N LEU A 201 -41.87 -8.71 9.27
CA LEU A 201 -41.82 -9.43 8.01
C LEU A 201 -40.48 -9.17 7.34
N ARG A 202 -39.78 -10.25 7.01
CA ARG A 202 -38.46 -10.15 6.39
C ARG A 202 -38.43 -10.81 5.01
N CYS A 203 -38.09 -10.02 4.00
CA CYS A 203 -38.02 -10.49 2.63
C CYS A 203 -36.57 -10.82 2.28
N TRP A 204 -36.35 -12.06 1.84
CA TRP A 204 -35.00 -12.57 1.62
C TRP A 204 -34.67 -12.75 0.14
N ALA A 205 -33.45 -12.39 -0.24
CA ALA A 205 -32.93 -12.71 -1.56
C ALA A 205 -31.57 -13.35 -1.38
N LEU A 206 -31.40 -14.54 -1.94
CA LEU A 206 -30.17 -15.32 -1.74
C LEU A 206 -29.62 -15.88 -3.04
N GLY A 207 -28.29 -16.00 -3.10
CA GLY A 207 -27.63 -16.70 -4.19
C GLY A 207 -27.66 -15.97 -5.51
N PHE A 208 -27.76 -14.64 -5.46
CA PHE A 208 -27.80 -13.85 -6.70
C PHE A 208 -26.47 -13.24 -7.12
N TYR A 209 -26.32 -13.04 -8.43
CA TYR A 209 -25.17 -12.34 -9.00
C TYR A 209 -25.66 -11.69 -10.29
N PRO A 210 -25.28 -10.41 -10.52
CA PRO A 210 -24.39 -9.57 -9.73
C PRO A 210 -25.05 -9.01 -8.47
N ALA A 211 -24.30 -8.24 -7.71
CA ALA A 211 -24.76 -7.70 -6.43
C ALA A 211 -25.93 -6.73 -6.52
N GLU A 212 -26.02 -5.98 -7.61
CA GLU A 212 -27.11 -5.02 -7.80
C GLU A 212 -28.49 -5.68 -7.69
N ILE A 213 -29.33 -5.12 -6.83
CA ILE A 213 -30.66 -5.67 -6.60
C ILE A 213 -31.52 -4.60 -5.92
N THR A 214 -32.83 -4.68 -6.09
CA THR A 214 -33.72 -3.80 -5.35
C THR A 214 -34.78 -4.60 -4.59
N LEU A 215 -34.79 -4.48 -3.27
CA LEU A 215 -35.85 -5.08 -2.45
C LEU A 215 -36.68 -3.98 -1.81
N THR A 216 -37.98 -3.99 -2.08
CA THR A 216 -38.89 -3.00 -1.51
C THR A 216 -40.10 -3.64 -0.85
N TRP A 217 -40.58 -3.01 0.22
CA TRP A 217 -41.84 -3.39 0.83
C TRP A 217 -42.91 -2.38 0.47
N GLN A 218 -44.08 -2.87 0.07
CA GLN A 218 -45.21 -2.00 -0.18
C GLN A 218 -46.37 -2.38 0.74
N ARG A 219 -47.16 -1.39 1.11
CA ARG A 219 -48.35 -1.57 1.92
C ARG A 219 -49.56 -1.06 1.16
N ASP A 220 -50.35 -1.98 0.61
CA ASP A 220 -51.41 -1.63 -0.33
C ASP A 220 -50.85 -0.79 -1.48
N GLY A 221 -49.70 -1.20 -1.98
CA GLY A 221 -49.12 -0.64 -3.19
C GLY A 221 -48.26 0.59 -2.98
N GLU A 222 -48.15 1.05 -1.74
CA GLU A 222 -47.30 2.20 -1.44
C GLU A 222 -46.00 1.80 -0.76
N ASP A 223 -44.85 2.15 -1.34
CA ASP A 223 -43.56 1.81 -0.75
C ASP A 223 -43.46 2.25 0.71
N GLN A 224 -42.93 1.37 1.54
CA GLN A 224 -42.65 1.72 2.94
C GLN A 224 -41.18 2.10 3.10
N THR A 225 -40.64 2.83 2.13
CA THR A 225 -39.22 3.19 2.09
C THR A 225 -38.72 3.95 3.32
N GLN A 226 -39.66 4.41 4.15
CA GLN A 226 -39.31 5.15 5.35
C GLN A 226 -39.30 4.22 6.56
N ASP A 227 -39.95 3.07 6.40
CA ASP A 227 -40.16 2.16 7.52
C ASP A 227 -39.65 0.77 7.15
N THR A 228 -38.65 0.75 6.28
CA THR A 228 -38.04 -0.49 5.82
C THR A 228 -36.61 -0.58 6.36
N GLU A 229 -36.30 -1.70 7.00
CA GLU A 229 -34.93 -2.01 7.38
C GLU A 229 -34.24 -2.75 6.25
N LEU A 230 -33.15 -2.16 5.73
CA LEU A 230 -32.45 -2.72 4.59
C LEU A 230 -31.01 -3.04 4.98
N VAL A 231 -30.67 -4.32 5.00
CA VAL A 231 -29.32 -4.73 5.34
C VAL A 231 -28.35 -4.55 4.17
N GLU A 232 -27.08 -4.30 4.46
CA GLU A 232 -26.09 -4.16 3.40
C GLU A 232 -26.00 -5.48 2.64
N THR A 233 -25.89 -5.40 1.32
CA THR A 233 -25.71 -6.59 0.51
C THR A 233 -24.40 -7.26 0.90
N ARG A 234 -24.44 -8.56 1.11
CA ARG A 234 -23.32 -9.32 1.65
C ARG A 234 -22.95 -10.53 0.82
N PRO A 235 -21.64 -10.87 0.78
CA PRO A 235 -21.20 -12.01 -0.02
C PRO A 235 -21.54 -13.33 0.67
N ALA A 236 -21.97 -14.31 -0.12
CA ALA A 236 -22.27 -15.64 0.42
C ALA A 236 -21.00 -16.45 0.57
N GLY A 237 -19.98 -16.10 -0.20
CA GLY A 237 -18.69 -16.77 -0.13
C GLY A 237 -18.44 -17.69 -1.31
N ASP A 238 -19.46 -17.83 -2.15
CA ASP A 238 -19.38 -18.67 -3.34
C ASP A 238 -19.56 -17.86 -4.62
N ARG A 239 -19.28 -16.56 -4.52
CA ARG A 239 -19.39 -15.60 -5.63
C ARG A 239 -20.84 -15.24 -5.98
N THR A 240 -21.72 -15.40 -4.99
CA THR A 240 -23.07 -14.87 -5.05
C THR A 240 -23.31 -14.01 -3.82
N PHE A 241 -24.46 -13.33 -3.78
CA PHE A 241 -24.69 -12.36 -2.73
C PHE A 241 -26.02 -12.61 -2.04
N GLN A 242 -26.22 -11.92 -0.91
CA GLN A 242 -27.42 -12.04 -0.12
C GLN A 242 -27.86 -10.67 0.36
N LYS A 243 -29.16 -10.51 0.53
CA LYS A 243 -29.70 -9.30 1.12
C LYS A 243 -31.08 -9.59 1.68
N TRP A 244 -31.49 -8.82 2.69
CA TRP A 244 -32.89 -8.86 3.12
C TRP A 244 -33.44 -7.47 3.44
N ALA A 245 -34.77 -7.39 3.43
CA ALA A 245 -35.50 -6.18 3.75
C ALA A 245 -36.58 -6.50 4.77
N ALA A 246 -36.64 -5.71 5.85
CA ALA A 246 -37.60 -5.98 6.91
C ALA A 246 -38.55 -4.81 7.15
N VAL A 247 -39.76 -5.13 7.59
CA VAL A 247 -40.75 -4.13 7.94
C VAL A 247 -41.55 -4.59 9.15
N VAL A 248 -41.79 -3.68 10.09
CA VAL A 248 -42.60 -4.02 11.26
C VAL A 248 -44.06 -3.76 10.95
N VAL A 249 -44.90 -4.79 11.11
CA VAL A 249 -46.30 -4.67 10.72
C VAL A 249 -47.22 -5.00 11.90
N PRO A 250 -48.37 -4.32 11.95
CA PRO A 250 -49.36 -4.60 12.99
C PRO A 250 -49.96 -5.97 12.77
N SER A 251 -50.25 -6.66 13.85
CA SER A 251 -50.83 -7.99 13.76
C SER A 251 -52.11 -8.05 12.98
N GLY A 252 -52.23 -9.05 12.13
CA GLY A 252 -53.45 -9.24 11.38
C GLY A 252 -53.48 -8.40 10.12
N GLU A 253 -52.41 -7.65 9.88
CA GLU A 253 -52.31 -6.83 8.68
C GLU A 253 -51.26 -7.39 7.72
N GLU A 254 -50.80 -8.61 7.97
CA GLU A 254 -49.76 -9.21 7.14
C GLU A 254 -50.11 -9.21 5.64
N GLN A 255 -51.40 -9.30 5.33
CA GLN A 255 -51.85 -9.49 3.94
C GLN A 255 -51.78 -8.25 3.04
N ARG A 256 -51.64 -7.07 3.62
CA ARG A 256 -51.50 -5.87 2.82
C ARG A 256 -50.06 -5.56 2.46
N TYR A 257 -49.17 -6.41 2.92
CA TYR A 257 -47.75 -6.20 2.69
C TYR A 257 -47.22 -7.08 1.57
N THR A 258 -46.54 -6.47 0.62
CA THR A 258 -45.95 -7.18 -0.50
C THR A 258 -44.48 -6.81 -0.63
N CYS A 259 -43.64 -7.80 -0.87
CA CYS A 259 -42.22 -7.57 -1.09
C CYS A 259 -41.89 -7.61 -2.57
N HIS A 260 -41.19 -6.59 -3.05
CA HIS A 260 -40.89 -6.47 -4.47
C HIS A 260 -39.39 -6.58 -4.73
N VAL A 261 -39.03 -7.54 -5.58
CA VAL A 261 -37.65 -7.84 -5.92
C VAL A 261 -37.30 -7.55 -7.37
N GLN A 262 -36.23 -6.77 -7.57
CA GLN A 262 -35.76 -6.42 -8.90
C GLN A 262 -34.31 -6.85 -9.06
N HIS A 263 -34.01 -7.63 -10.10
CA HIS A 263 -32.66 -8.10 -10.36
C HIS A 263 -32.54 -8.51 -11.82
N GLU A 264 -31.36 -8.35 -12.43
CA GLU A 264 -31.23 -8.61 -13.86
C GLU A 264 -31.46 -10.08 -14.24
N GLY A 265 -31.25 -10.99 -13.29
CA GLY A 265 -31.47 -12.40 -13.55
C GLY A 265 -32.93 -12.79 -13.59
N LEU A 266 -33.79 -11.89 -13.13
CA LEU A 266 -35.23 -12.13 -13.12
C LEU A 266 -35.86 -11.64 -14.43
N PRO A 267 -36.64 -12.51 -15.08
CA PRO A 267 -37.41 -12.11 -16.27
C PRO A 267 -38.32 -10.92 -15.96
N LYS A 268 -39.21 -11.09 -14.99
CA LYS A 268 -40.08 -10.03 -14.53
C LYS A 268 -39.84 -9.83 -13.03
N PRO A 269 -39.94 -8.57 -12.56
CA PRO A 269 -39.85 -8.26 -11.13
C PRO A 269 -40.80 -9.14 -10.31
N LEU A 270 -40.38 -9.50 -9.10
CA LEU A 270 -41.15 -10.39 -8.25
C LEU A 270 -41.97 -9.66 -7.19
N THR A 271 -43.14 -10.22 -6.88
CA THR A 271 -43.98 -9.70 -5.80
C THR A 271 -44.33 -10.83 -4.85
N LEU A 272 -43.81 -10.75 -3.63
CA LEU A 272 -44.00 -11.81 -2.66
C LEU A 272 -44.83 -11.32 -1.50
N ARG A 273 -45.45 -12.26 -0.81
CA ARG A 273 -46.26 -11.95 0.36
C ARG A 273 -46.09 -13.09 1.34
N TRP A 274 -46.21 -12.78 2.62
CA TRP A 274 -46.12 -13.83 3.62
C TRP A 274 -47.43 -14.61 3.69
N GLU A 275 -47.31 -15.92 3.90
CA GLU A 275 -48.48 -16.75 4.13
C GLU A 275 -48.21 -17.72 5.27
N ILE B 1 -11.17 10.45 11.35
CA ILE B 1 -11.24 9.76 10.07
C ILE B 1 -11.08 8.25 10.34
N GLN B 2 -11.39 7.86 11.57
CA GLN B 2 -11.48 6.45 11.89
C GLN B 2 -12.94 5.98 11.85
N ARG B 3 -13.17 4.82 11.24
CA ARG B 3 -14.51 4.29 11.01
C ARG B 3 -14.67 2.90 11.60
N THR B 4 -15.71 2.70 12.40
CA THR B 4 -15.87 1.45 13.11
C THR B 4 -16.54 0.43 12.19
N PRO B 5 -16.21 -0.86 12.36
CA PRO B 5 -16.74 -1.89 11.47
C PRO B 5 -18.23 -2.19 11.66
N LYS B 6 -18.93 -2.37 10.55
CA LYS B 6 -20.22 -3.03 10.55
C LYS B 6 -20.00 -4.54 10.54
N ILE B 7 -20.88 -5.30 11.17
CA ILE B 7 -20.67 -6.73 11.28
C ILE B 7 -21.95 -7.52 10.95
N GLN B 8 -21.84 -8.49 10.05
CA GLN B 8 -22.94 -9.44 9.84
C GLN B 8 -22.46 -10.88 10.01
N VAL B 9 -23.25 -11.71 10.69
CA VAL B 9 -22.91 -13.12 10.85
C VAL B 9 -24.09 -13.92 10.30
N TYR B 10 -23.79 -14.87 9.42
CA TYR B 10 -24.84 -15.55 8.66
C TYR B 10 -24.23 -16.76 7.97
N SER B 11 -25.08 -17.68 7.52
CA SER B 11 -24.60 -18.85 6.80
C SER B 11 -24.70 -18.69 5.29
N ARG B 12 -23.83 -19.37 4.56
CA ARG B 12 -23.85 -19.32 3.10
C ARG B 12 -25.17 -19.84 2.54
N HIS B 13 -25.66 -20.94 3.11
CA HIS B 13 -26.92 -21.53 2.67
C HIS B 13 -27.90 -21.51 3.84
N PRO B 14 -29.21 -21.60 3.54
CA PRO B 14 -30.19 -21.71 4.63
C PRO B 14 -29.81 -22.82 5.59
N ALA B 15 -29.82 -22.54 6.88
CA ALA B 15 -29.37 -23.52 7.87
C ALA B 15 -30.36 -24.67 7.98
N GLU B 16 -29.81 -25.88 8.09
CA GLU B 16 -30.60 -27.07 8.36
C GLU B 16 -29.73 -27.99 9.23
N ASN B 17 -30.13 -28.16 10.48
CA ASN B 17 -29.36 -28.94 11.45
C ASN B 17 -28.81 -30.25 10.88
N GLY B 18 -27.53 -30.49 11.11
CA GLY B 18 -26.88 -31.72 10.69
C GLY B 18 -26.42 -31.74 9.24
N LYS B 19 -26.50 -30.61 8.57
CA LYS B 19 -26.08 -30.49 7.17
C LYS B 19 -24.92 -29.52 7.04
N SER B 20 -23.87 -29.94 6.34
CA SER B 20 -22.68 -29.12 6.17
C SER B 20 -23.01 -27.80 5.45
N ASN B 21 -22.36 -26.73 5.89
CA ASN B 21 -22.70 -25.38 5.47
C ASN B 21 -21.47 -24.50 5.67
N PHE B 22 -21.60 -23.20 5.43
CA PHE B 22 -20.49 -22.29 5.74
C PHE B 22 -20.95 -21.18 6.67
N LEU B 23 -20.15 -20.85 7.67
CA LEU B 23 -20.48 -19.75 8.58
C LEU B 23 -19.64 -18.54 8.18
N ASN B 24 -20.31 -17.40 8.01
CA ASN B 24 -19.67 -16.18 7.53
C ASN B 24 -19.72 -15.05 8.52
N CYS B 25 -18.64 -14.28 8.61
CA CYS B 25 -18.67 -13.02 9.32
C CYS B 25 -18.10 -11.97 8.38
N TYR B 26 -18.99 -11.09 7.94
CA TYR B 26 -18.66 -10.02 7.02
C TYR B 26 -18.46 -8.74 7.81
N VAL B 27 -17.24 -8.22 7.76
CA VAL B 27 -16.97 -6.92 8.38
C VAL B 27 -16.72 -5.91 7.28
N SER B 28 -17.28 -4.71 7.45
CA SER B 28 -17.18 -3.70 6.41
C SER B 28 -17.30 -2.29 6.98
N GLY B 29 -17.05 -1.30 6.12
CA GLY B 29 -17.15 0.11 6.49
C GLY B 29 -16.14 0.58 7.52
N PHE B 30 -15.03 -0.15 7.67
CA PHE B 30 -14.01 0.23 8.66
C PHE B 30 -12.74 0.86 8.10
N HIS B 31 -12.07 1.65 8.95
CA HIS B 31 -10.82 2.31 8.59
C HIS B 31 -10.14 2.74 9.89
N PRO B 32 -8.85 2.43 10.05
CA PRO B 32 -7.96 1.75 9.10
C PRO B 32 -8.18 0.25 8.97
N SER B 33 -7.25 -0.43 8.30
CA SER B 33 -7.49 -1.79 7.84
C SER B 33 -7.23 -2.89 8.87
N ASP B 34 -6.37 -2.62 9.85
CA ASP B 34 -6.09 -3.65 10.83
C ASP B 34 -7.36 -3.96 11.61
N ILE B 35 -7.63 -5.24 11.77
CA ILE B 35 -8.84 -5.66 12.45
C ILE B 35 -8.62 -7.11 12.84
N GLU B 36 -9.25 -7.52 13.93
CA GLU B 36 -9.12 -8.90 14.39
C GLU B 36 -10.53 -9.47 14.41
N VAL B 37 -10.68 -10.62 13.76
CA VAL B 37 -11.97 -11.26 13.67
C VAL B 37 -11.80 -12.73 13.98
N ASP B 38 -12.64 -13.23 14.88
CA ASP B 38 -12.67 -14.65 15.15
C ASP B 38 -14.10 -15.17 15.09
N LEU B 39 -14.25 -16.38 14.58
CA LEU B 39 -15.52 -17.07 14.68
C LEU B 39 -15.47 -17.92 15.94
N LEU B 40 -16.57 -17.99 16.66
CA LEU B 40 -16.56 -18.72 17.92
C LEU B 40 -17.59 -19.83 17.87
N LYS B 41 -17.23 -20.96 18.47
CA LYS B 41 -18.17 -22.05 18.68
C LYS B 41 -18.28 -22.29 20.17
N ASN B 42 -19.40 -21.90 20.75
CA ASN B 42 -19.61 -21.97 22.19
C ASN B 42 -18.55 -21.20 22.97
N GLY B 43 -18.28 -19.97 22.55
CA GLY B 43 -17.33 -19.12 23.23
C GLY B 43 -15.89 -19.38 22.85
N GLU B 44 -15.65 -20.48 22.14
CA GLU B 44 -14.29 -20.88 21.80
C GLU B 44 -13.90 -20.61 20.34
N ARG B 45 -12.72 -20.03 20.16
CA ARG B 45 -12.22 -19.60 18.86
C ARG B 45 -12.16 -20.81 17.91
N ILE B 46 -12.75 -20.67 16.73
CA ILE B 46 -12.61 -21.72 15.71
C ILE B 46 -11.26 -21.60 15.00
N GLU B 47 -10.64 -22.74 14.72
CA GLU B 47 -9.27 -22.78 14.24
C GLU B 47 -9.15 -22.62 12.74
N LYS B 48 -9.92 -23.40 11.98
CA LYS B 48 -9.79 -23.40 10.53
C LYS B 48 -10.58 -22.26 9.92
N VAL B 49 -10.11 -21.03 10.09
CA VAL B 49 -10.82 -19.90 9.53
C VAL B 49 -10.01 -19.24 8.42
N GLU B 50 -10.69 -18.90 7.34
CA GLU B 50 -10.06 -18.26 6.21
C GLU B 50 -10.71 -16.91 6.01
N HIS B 51 -10.03 -16.03 5.28
CA HIS B 51 -10.63 -14.76 4.95
C HIS B 51 -10.35 -14.31 3.53
N SER B 52 -11.16 -13.39 3.04
CA SER B 52 -11.02 -12.85 1.70
C SER B 52 -9.86 -11.88 1.66
N ASP B 53 -9.40 -11.54 0.46
CA ASP B 53 -8.34 -10.57 0.31
C ASP B 53 -8.86 -9.17 0.61
N LEU B 54 -8.07 -8.38 1.33
CA LEU B 54 -8.46 -7.03 1.70
C LEU B 54 -8.81 -6.19 0.48
N SER B 55 -9.98 -5.57 0.52
CA SER B 55 -10.39 -4.65 -0.54
C SER B 55 -11.17 -3.53 0.11
N PHE B 56 -11.65 -2.60 -0.69
CA PHE B 56 -12.39 -1.46 -0.16
C PHE B 56 -13.48 -0.94 -1.08
N SER B 57 -14.38 -0.14 -0.51
CA SER B 57 -15.51 0.37 -1.25
C SER B 57 -15.16 1.75 -1.80
N LYS B 58 -16.08 2.32 -2.57
CA LYS B 58 -15.90 3.62 -3.21
C LYS B 58 -15.58 4.73 -2.21
N ASP B 59 -16.04 4.59 -0.98
CA ASP B 59 -15.79 5.58 0.07
C ASP B 59 -14.50 5.31 0.83
N TRP B 60 -13.70 4.36 0.32
CA TRP B 60 -12.37 4.01 0.85
C TRP B 60 -12.40 3.12 2.09
N SER B 61 -13.58 2.75 2.57
CA SER B 61 -13.61 1.91 3.76
C SER B 61 -13.40 0.46 3.35
N PHE B 62 -12.77 -0.32 4.22
CA PHE B 62 -12.43 -1.69 3.90
C PHE B 62 -13.53 -2.67 4.21
N TYR B 63 -13.45 -3.84 3.59
CA TYR B 63 -14.32 -4.96 3.91
C TYR B 63 -13.57 -6.28 3.78
N LEU B 64 -13.97 -7.26 4.60
CA LEU B 64 -13.41 -8.60 4.57
C LEU B 64 -14.49 -9.62 4.90
N LEU B 65 -14.39 -10.80 4.30
CA LEU B 65 -15.26 -11.90 4.67
C LEU B 65 -14.41 -12.95 5.37
N TYR B 66 -14.82 -13.35 6.56
CA TYR B 66 -14.21 -14.48 7.28
C TYR B 66 -15.18 -15.65 7.23
N TYR B 67 -14.67 -16.86 7.03
CA TYR B 67 -15.55 -18.00 6.85
C TYR B 67 -14.93 -19.33 7.28
N THR B 68 -15.78 -20.23 7.78
CA THR B 68 -15.33 -21.58 8.09
C THR B 68 -16.43 -22.55 7.71
N GLU B 69 -16.04 -23.75 7.31
CA GLU B 69 -17.00 -24.81 7.07
C GLU B 69 -17.59 -25.22 8.41
N PHE B 70 -18.88 -25.52 8.46
CA PHE B 70 -19.50 -25.95 9.71
C PHE B 70 -20.81 -26.70 9.54
N THR B 71 -21.13 -27.55 10.50
CA THR B 71 -22.39 -28.24 10.52
C THR B 71 -23.18 -27.78 11.75
N PRO B 72 -24.27 -27.04 11.52
CA PRO B 72 -25.04 -26.43 12.60
C PRO B 72 -25.82 -27.47 13.38
N THR B 73 -26.05 -27.20 14.66
CA THR B 73 -26.91 -28.03 15.51
C THR B 73 -27.78 -27.15 16.41
N GLU B 74 -28.76 -27.78 17.04
CA GLU B 74 -29.68 -27.13 17.97
C GLU B 74 -28.96 -26.49 19.15
N LYS B 75 -27.97 -27.18 19.71
CA LYS B 75 -27.33 -26.77 20.96
C LYS B 75 -26.14 -25.81 20.77
N ASP B 76 -25.26 -26.12 19.83
CA ASP B 76 -24.11 -25.28 19.50
C ASP B 76 -24.45 -23.83 19.10
N GLU B 77 -23.84 -22.87 19.79
CA GLU B 77 -24.08 -21.46 19.52
C GLU B 77 -22.85 -20.81 18.90
N TYR B 78 -23.03 -20.19 17.73
CA TYR B 78 -21.94 -19.59 16.99
C TYR B 78 -21.95 -18.07 17.05
N ALA B 79 -20.78 -17.43 16.96
CA ALA B 79 -20.74 -15.98 16.96
C ALA B 79 -19.51 -15.44 16.24
N CYS B 80 -19.43 -14.13 16.12
CA CYS B 80 -18.26 -13.49 15.54
C CYS B 80 -17.78 -12.41 16.51
N ARG B 81 -16.49 -12.40 16.78
CA ARG B 81 -15.92 -11.45 17.73
C ARG B 81 -14.97 -10.55 16.98
N VAL B 82 -15.22 -9.24 17.03
CA VAL B 82 -14.45 -8.29 16.24
C VAL B 82 -13.83 -7.20 17.09
N ASN B 83 -12.53 -7.01 16.98
CA ASN B 83 -11.89 -5.85 17.58
C ASN B 83 -11.27 -4.98 16.51
N HIS B 84 -11.26 -3.68 16.77
CA HIS B 84 -10.73 -2.68 15.86
C HIS B 84 -10.32 -1.49 16.71
N VAL B 85 -9.46 -0.63 16.18
CA VAL B 85 -8.99 0.54 16.92
C VAL B 85 -10.15 1.39 17.44
N THR B 86 -11.27 1.38 16.72
CA THR B 86 -12.41 2.23 17.04
C THR B 86 -13.20 1.69 18.22
N LEU B 87 -12.90 0.46 18.63
CA LEU B 87 -13.67 -0.19 19.68
C LEU B 87 -12.87 -0.31 20.96
N SER B 88 -13.49 0.11 22.06
CA SER B 88 -12.84 -0.01 23.36
C SER B 88 -12.76 -1.47 23.75
N GLN B 89 -13.86 -2.19 23.56
CA GLN B 89 -13.87 -3.63 23.82
C GLN B 89 -14.32 -4.35 22.55
N PRO B 90 -13.91 -5.62 22.38
CA PRO B 90 -14.35 -6.40 21.21
C PRO B 90 -15.87 -6.50 21.08
N LYS B 91 -16.41 -6.42 19.87
CA LYS B 91 -17.84 -6.59 19.68
C LYS B 91 -18.12 -8.05 19.37
N ILE B 92 -19.19 -8.59 19.96
CA ILE B 92 -19.55 -9.98 19.69
C ILE B 92 -20.95 -10.04 19.10
N VAL B 93 -21.08 -10.63 17.91
CA VAL B 93 -22.40 -10.74 17.29
C VAL B 93 -22.77 -12.21 17.18
N LYS B 94 -23.89 -12.61 17.76
CA LYS B 94 -24.28 -14.02 17.72
C LYS B 94 -24.82 -14.33 16.33
N TRP B 95 -24.60 -15.56 15.87
CA TRP B 95 -25.25 -16.03 14.66
C TRP B 95 -26.72 -16.31 14.97
N ASP B 96 -27.60 -15.56 14.34
CA ASP B 96 -29.04 -15.81 14.43
C ASP B 96 -29.52 -16.30 13.07
N ARG B 97 -29.94 -17.56 13.00
CA ARG B 97 -30.43 -18.17 11.76
C ARG B 97 -31.50 -17.35 11.01
N ASP B 98 -32.03 -16.32 11.66
CA ASP B 98 -33.11 -15.52 11.10
C ASP B 98 -32.65 -14.14 10.67
N MET B 99 -31.34 -13.93 10.65
CA MET B 99 -30.77 -12.63 10.33
C MET B 99 -29.71 -12.70 9.22
N THR C 1 0.97 -5.74 -19.74
CA THR C 1 0.34 -6.27 -18.55
C THR C 1 -1.11 -5.84 -18.42
N SER C 2 -1.86 -6.54 -17.56
CA SER C 2 -3.24 -6.19 -17.28
C SER C 2 -3.33 -5.07 -16.25
N THR C 3 -2.50 -5.18 -15.22
CA THR C 3 -2.33 -4.09 -14.26
C THR C 3 -1.59 -2.95 -14.93
N LEU C 4 -1.71 -1.76 -14.36
CA LEU C 4 -0.99 -0.60 -14.86
C LEU C 4 0.51 -0.79 -14.71
N GLN C 5 1.24 -0.76 -15.83
CA GLN C 5 2.68 -1.03 -15.79
C GLN C 5 3.50 0.21 -15.43
N GLU C 6 2.96 1.39 -15.74
CA GLU C 6 3.65 2.64 -15.40
C GLU C 6 3.79 2.75 -13.89
N GLN C 7 4.98 3.12 -13.45
CA GLN C 7 5.23 3.36 -12.03
C GLN C 7 5.08 4.84 -11.73
N ILE C 8 4.24 5.14 -10.75
CA ILE C 8 3.89 6.54 -10.50
C ILE C 8 4.18 6.98 -9.08
N GLY C 9 5.12 7.92 -8.95
CA GLY C 9 5.52 8.45 -7.66
C GLY C 9 4.78 9.72 -7.29
N TRP C 10 4.55 9.91 -5.99
CA TRP C 10 3.82 11.06 -5.50
C TRP C 10 4.69 12.30 -5.34
N LYS D 7 5.36 -15.91 14.86
CA LYS D 7 6.64 -15.43 15.38
C LYS D 7 6.63 -13.92 15.57
N PRO D 8 7.36 -13.41 16.58
CA PRO D 8 7.38 -11.97 16.83
C PRO D 8 7.99 -11.19 15.68
N PHE D 9 7.72 -9.90 15.61
CA PHE D 9 8.42 -9.04 14.67
C PHE D 9 9.37 -8.15 15.45
N LEU D 10 10.66 -8.29 15.16
CA LEU D 10 11.68 -7.53 15.86
C LEU D 10 12.13 -6.40 14.95
N SER D 11 12.29 -5.20 15.52
CA SER D 11 12.73 -4.07 14.73
C SER D 11 13.64 -3.13 15.52
N ALA D 12 14.51 -2.43 14.82
CA ALA D 12 15.41 -1.45 15.42
C ALA D 12 15.00 -0.05 15.03
N TRP D 13 14.96 0.86 16.00
CA TRP D 13 14.50 2.23 15.73
C TRP D 13 15.45 3.25 16.37
N PRO D 14 15.80 4.31 15.61
CA PRO D 14 15.37 4.61 14.25
C PRO D 14 16.14 3.87 13.15
N SER D 15 17.30 3.32 13.49
CA SER D 15 18.09 2.60 12.50
C SER D 15 18.94 1.51 13.12
N ALA D 16 19.04 0.37 12.42
CA ALA D 16 19.88 -0.75 12.87
C ALA D 16 21.35 -0.43 12.64
N VAL D 17 21.62 0.50 11.74
CA VAL D 17 22.97 1.02 11.56
C VAL D 17 23.11 2.29 12.38
N VAL D 18 23.98 2.26 13.38
CA VAL D 18 23.97 3.31 14.41
C VAL D 18 25.40 3.63 14.85
N PRO D 19 25.71 4.91 15.02
CA PRO D 19 27.05 5.30 15.47
C PRO D 19 27.27 5.00 16.94
N ARG D 20 28.51 4.66 17.31
CA ARG D 20 28.90 4.60 18.70
C ARG D 20 28.47 5.91 19.33
N GLY D 21 27.90 5.85 20.52
CA GLY D 21 27.45 7.07 21.19
C GLY D 21 26.03 7.46 20.85
N GLY D 22 25.46 6.85 19.81
CA GLY D 22 24.10 7.18 19.41
C GLY D 22 23.10 6.37 20.22
N HIS D 23 21.94 6.09 19.64
CA HIS D 23 20.95 5.30 20.33
C HIS D 23 20.15 4.46 19.34
N VAL D 24 19.74 3.29 19.78
CA VAL D 24 18.89 2.44 18.99
C VAL D 24 18.03 1.66 19.96
N THR D 25 16.78 1.43 19.58
CA THR D 25 15.85 0.76 20.46
C THR D 25 15.37 -0.48 19.71
N LEU D 26 15.40 -1.62 20.40
CA LEU D 26 14.80 -2.83 19.82
C LEU D 26 13.40 -3.02 20.37
N ARG D 27 12.47 -3.30 19.46
CA ARG D 27 11.09 -3.57 19.82
C ARG D 27 10.71 -4.95 19.34
N CYS D 28 9.97 -5.68 20.17
CA CYS D 28 9.57 -7.03 19.84
C CYS D 28 8.05 -7.07 19.86
N HIS D 29 7.43 -7.03 18.68
CA HIS D 29 5.98 -6.99 18.60
C HIS D 29 5.42 -8.40 18.46
N TYR D 30 4.54 -8.75 19.40
CA TYR D 30 4.00 -10.10 19.46
C TYR D 30 2.67 -10.12 20.21
N ARG D 31 1.67 -10.75 19.60
CA ARG D 31 0.33 -10.82 20.17
C ARG D 31 -0.17 -9.42 20.55
N HIS D 32 -0.02 -8.48 19.61
CA HIS D 32 -0.52 -7.12 19.74
C HIS D 32 -0.02 -6.33 20.94
N ARG D 33 1.17 -6.69 21.43
CA ARG D 33 1.80 -5.94 22.51
C ARG D 33 3.30 -5.81 22.23
N PHE D 34 3.96 -4.95 23.00
CA PHE D 34 5.39 -4.70 22.85
C PHE D 34 6.16 -5.09 24.10
N ASN D 35 5.50 -5.77 25.03
CA ASN D 35 6.15 -6.07 26.29
C ASN D 35 6.49 -7.55 26.50
N ASN D 36 7.24 -7.80 27.57
CA ASN D 36 7.67 -9.14 27.96
C ASN D 36 8.35 -9.98 26.87
N PHE D 37 9.61 -9.68 26.62
CA PHE D 37 10.37 -10.49 25.67
C PHE D 37 11.80 -10.70 26.18
N MET D 38 12.45 -11.70 25.62
CA MET D 38 13.87 -11.95 25.84
C MET D 38 14.68 -11.76 24.56
N LEU D 39 15.95 -11.44 24.69
CA LEU D 39 16.80 -11.28 23.54
C LEU D 39 17.87 -12.36 23.44
N TYR D 40 18.26 -12.67 22.21
CA TYR D 40 19.25 -13.71 21.93
C TYR D 40 20.16 -13.21 20.82
N LYS D 41 21.41 -13.65 20.86
CA LYS D 41 22.33 -13.34 19.78
C LYS D 41 22.61 -14.61 19.01
N GLU D 42 23.00 -14.46 17.76
CA GLU D 42 22.99 -15.54 16.78
C GLU D 42 23.63 -16.86 17.24
N ASP D 43 24.74 -16.79 17.97
CA ASP D 43 25.40 -18.03 18.39
C ASP D 43 24.72 -18.80 19.53
N ARG D 44 24.35 -18.09 20.58
CA ARG D 44 23.51 -18.63 21.64
C ARG D 44 22.03 -18.51 21.30
N ILE D 45 21.43 -19.59 20.81
CA ILE D 45 20.05 -19.54 20.32
C ILE D 45 19.00 -19.83 21.40
N HIS D 46 19.27 -20.67 22.38
CA HIS D 46 18.40 -20.81 23.54
C HIS D 46 19.02 -20.24 24.83
N ILE D 47 19.95 -19.30 24.74
CA ILE D 47 20.45 -18.66 25.95
C ILE D 47 20.14 -17.16 25.94
N PRO D 48 19.18 -16.71 26.73
CA PRO D 48 18.84 -15.27 26.74
C PRO D 48 20.02 -14.40 27.18
N ILE D 49 20.24 -13.29 26.47
CA ILE D 49 21.32 -12.37 26.82
C ILE D 49 20.99 -11.62 28.11
N PHE D 50 22.01 -11.07 28.74
CA PHE D 50 21.86 -10.32 29.98
C PHE D 50 21.31 -11.20 31.08
N HIS D 51 21.80 -12.40 31.12
CA HIS D 51 21.38 -13.39 32.11
C HIS D 51 19.87 -13.54 32.17
N GLY D 52 19.26 -13.64 30.99
CA GLY D 52 17.85 -13.93 30.87
C GLY D 52 16.92 -12.80 31.28
N ARG D 53 17.41 -11.57 31.15
CA ARG D 53 16.58 -10.40 31.41
C ARG D 53 15.30 -10.44 30.59
N ILE D 54 14.17 -10.20 31.26
CA ILE D 54 12.87 -10.14 30.61
C ILE D 54 12.51 -8.68 30.36
N PHE D 55 12.76 -8.19 29.16
CA PHE D 55 12.52 -6.79 28.87
C PHE D 55 11.03 -6.45 29.01
N GLN D 56 10.74 -5.47 29.86
CA GLN D 56 9.35 -5.10 30.17
C GLN D 56 8.76 -4.19 29.11
N GLU D 57 9.65 -3.64 28.28
CA GLU D 57 9.26 -2.77 27.19
C GLU D 57 10.44 -2.74 26.24
N SER D 58 10.30 -2.01 25.14
CA SER D 58 11.38 -1.88 24.16
C SER D 58 12.73 -1.64 24.84
N PHE D 59 13.77 -2.23 24.26
CA PHE D 59 15.11 -2.15 24.84
C PHE D 59 15.91 -1.02 24.22
N ASN D 60 16.12 0.03 24.99
CA ASN D 60 16.87 1.17 24.52
C ASN D 60 18.34 1.03 24.84
N MET D 61 19.16 1.05 23.81
CA MET D 61 20.60 1.03 23.96
C MET D 61 21.07 2.45 23.72
N SER D 62 21.62 3.06 24.77
CA SER D 62 21.99 4.46 24.71
C SER D 62 22.80 4.84 25.95
N PRO D 63 24.01 5.36 25.74
CA PRO D 63 24.66 5.55 24.44
C PRO D 63 25.13 4.22 23.85
N VAL D 64 25.15 4.11 22.53
CA VAL D 64 25.53 2.85 21.90
C VAL D 64 27.03 2.61 22.00
N THR D 65 27.40 1.39 22.39
CA THR D 65 28.79 0.96 22.46
C THR D 65 29.00 -0.19 21.48
N THR D 66 30.25 -0.57 21.24
CA THR D 66 30.54 -1.69 20.35
C THR D 66 29.95 -3.01 20.84
N ALA D 67 29.73 -3.11 22.15
CA ALA D 67 29.16 -4.31 22.74
C ALA D 67 27.72 -4.55 22.30
N HIS D 68 27.06 -3.48 21.85
CA HIS D 68 25.70 -3.57 21.34
C HIS D 68 25.65 -4.15 19.93
N ALA D 69 26.77 -4.08 19.22
CA ALA D 69 26.79 -4.60 17.86
C ALA D 69 26.53 -6.08 17.93
N GLY D 70 25.72 -6.57 17.01
CA GLY D 70 25.44 -7.99 17.01
C GLY D 70 24.21 -8.37 16.24
N ASN D 71 23.95 -9.67 16.26
CA ASN D 71 22.87 -10.26 15.52
C ASN D 71 21.77 -10.74 16.45
N TYR D 72 20.62 -10.06 16.47
CA TYR D 72 19.60 -10.31 17.48
C TYR D 72 18.34 -11.03 16.99
N THR D 73 17.77 -11.84 17.86
CA THR D 73 16.39 -12.33 17.69
C THR D 73 15.71 -12.19 19.05
N CYS D 74 14.38 -12.10 19.05
CA CYS D 74 13.65 -12.07 20.31
C CYS D 74 12.66 -13.22 20.42
N ARG D 75 12.24 -13.48 21.65
CA ARG D 75 11.13 -14.38 21.94
C ARG D 75 10.19 -13.63 22.86
N GLY D 76 8.90 -13.73 22.57
CA GLY D 76 7.88 -13.04 23.34
C GLY D 76 7.31 -14.01 24.33
N SER D 77 6.85 -13.48 25.47
CA SER D 77 6.25 -14.33 26.49
C SER D 77 4.99 -14.97 25.94
N HIS D 78 4.82 -16.24 26.26
CA HIS D 78 3.63 -16.97 25.87
C HIS D 78 3.28 -17.98 26.96
N PRO D 79 2.76 -17.47 28.09
CA PRO D 79 2.44 -18.25 29.31
C PRO D 79 1.73 -19.56 29.05
N HIS D 80 0.65 -19.49 28.27
CA HIS D 80 -0.19 -20.66 28.01
C HIS D 80 0.27 -21.40 26.77
N SER D 81 1.47 -21.96 26.85
CA SER D 81 2.06 -22.72 25.77
C SER D 81 3.11 -23.66 26.35
N PRO D 82 3.46 -24.74 25.64
CA PRO D 82 4.45 -25.72 26.09
C PRO D 82 5.67 -25.08 26.76
N THR D 83 6.43 -24.31 26.00
CA THR D 83 7.52 -23.52 26.55
C THR D 83 6.92 -22.20 27.05
N GLY D 84 7.68 -21.43 27.82
CA GLY D 84 7.19 -20.17 28.35
C GLY D 84 7.06 -19.10 27.28
N TRP D 85 7.62 -19.37 26.10
CA TRP D 85 7.98 -18.30 25.17
C TRP D 85 7.63 -18.68 23.74
N SER D 86 7.73 -17.71 22.84
CA SER D 86 7.38 -17.89 21.43
C SER D 86 8.54 -18.49 20.64
N ALA D 87 8.30 -18.71 19.36
CA ALA D 87 9.36 -19.10 18.46
C ALA D 87 10.23 -17.86 18.24
N PRO D 88 11.43 -18.02 17.68
CA PRO D 88 12.30 -16.86 17.42
C PRO D 88 11.78 -15.93 16.35
N SER D 89 11.97 -14.62 16.56
CA SER D 89 11.55 -13.61 15.61
C SER D 89 12.46 -13.63 14.39
N ASN D 90 12.16 -12.78 13.42
CA ASN D 90 13.11 -12.48 12.36
C ASN D 90 14.36 -11.87 13.00
N PRO D 91 15.52 -12.03 12.35
CA PRO D 91 16.78 -11.52 12.90
C PRO D 91 17.04 -10.07 12.52
N VAL D 92 17.57 -9.30 13.47
CA VAL D 92 17.94 -7.92 13.23
C VAL D 92 19.40 -7.72 13.60
N VAL D 93 20.17 -7.22 12.64
CA VAL D 93 21.59 -6.99 12.84
C VAL D 93 21.86 -5.53 13.18
N ILE D 94 22.31 -5.29 14.40
CA ILE D 94 22.68 -3.95 14.82
C ILE D 94 24.13 -3.81 14.40
N MET D 95 24.39 -2.85 13.53
CA MET D 95 25.75 -2.54 13.11
C MET D 95 26.21 -1.21 13.68
N VAL D 96 27.32 -1.24 14.43
CA VAL D 96 27.79 -0.04 15.11
C VAL D 96 28.95 0.58 14.34
N THR D 97 28.79 1.85 13.96
CA THR D 97 29.75 2.54 13.11
C THR D 97 30.72 3.38 13.94
N GLY D 98 31.82 3.80 13.32
CA GLY D 98 32.76 4.69 13.98
C GLY D 98 33.97 4.01 14.61
N ASN D 99 34.38 2.87 14.07
CA ASN D 99 35.41 2.06 14.70
C ASN D 99 36.71 1.92 13.89
N HIS D 100 36.73 2.50 12.69
CA HIS D 100 37.94 2.51 11.85
C HIS D 100 37.95 3.79 11.04
N ARG D 101 39.09 4.13 10.45
CA ARG D 101 39.16 5.28 9.54
C ARG D 101 38.16 5.10 8.41
N LYS D 102 37.57 6.21 7.95
CA LYS D 102 36.51 6.12 6.95
C LYS D 102 37.06 5.74 5.58
N PRO D 103 36.27 4.98 4.80
CA PRO D 103 36.69 4.74 3.42
C PRO D 103 36.21 5.87 2.52
N SER D 104 36.37 5.72 1.21
CA SER D 104 35.92 6.75 0.29
C SER D 104 34.84 6.18 -0.62
N LEU D 105 33.92 7.04 -1.04
CA LEU D 105 32.82 6.64 -1.89
C LEU D 105 32.78 7.57 -3.09
N LEU D 106 32.83 7.00 -4.29
CA LEU D 106 32.64 7.79 -5.50
C LEU D 106 31.66 7.15 -6.48
N ALA D 107 31.03 7.97 -7.32
CA ALA D 107 30.06 7.48 -8.30
C ALA D 107 30.65 7.45 -9.71
N HIS D 108 30.33 6.41 -10.46
CA HIS D 108 30.76 6.30 -11.84
C HIS D 108 29.55 6.11 -12.74
N PRO D 109 29.37 7.00 -13.73
CA PRO D 109 30.27 8.11 -14.07
C PRO D 109 30.04 9.37 -13.22
N GLY D 110 28.91 9.45 -12.51
CA GLY D 110 28.60 10.63 -11.73
C GLY D 110 27.35 10.46 -10.88
N PRO D 111 27.08 11.46 -10.00
CA PRO D 111 25.97 11.34 -9.04
C PRO D 111 24.59 11.64 -9.61
N LEU D 112 24.52 12.27 -10.78
CA LEU D 112 23.23 12.55 -11.38
C LEU D 112 22.93 11.44 -12.36
N VAL D 113 21.87 10.69 -12.09
CA VAL D 113 21.62 9.45 -12.81
C VAL D 113 20.27 9.55 -13.51
N LYS D 114 20.28 9.41 -14.84
CA LYS D 114 19.05 9.44 -15.61
C LYS D 114 18.13 8.29 -15.24
N SER D 115 16.84 8.58 -15.08
CA SER D 115 15.82 7.57 -14.82
C SER D 115 16.00 6.35 -15.72
N GLY D 116 15.99 5.16 -15.13
CA GLY D 116 16.09 3.93 -15.89
C GLY D 116 17.52 3.49 -16.18
N GLU D 117 18.50 4.34 -15.88
CA GLU D 117 19.89 4.01 -16.15
C GLU D 117 20.58 3.50 -14.89
N ARG D 118 21.87 3.20 -14.99
CA ARG D 118 22.62 2.64 -13.88
C ARG D 118 23.79 3.51 -13.45
N VAL D 119 24.23 3.31 -12.23
CA VAL D 119 25.41 4.00 -11.74
C VAL D 119 26.19 2.99 -10.90
N ILE D 120 27.51 3.18 -10.82
CA ILE D 120 28.33 2.36 -9.95
C ILE D 120 28.76 3.23 -8.76
N LEU D 121 28.53 2.73 -7.55
CA LEU D 121 29.08 3.39 -6.38
C LEU D 121 30.26 2.58 -5.91
N GLN D 122 31.46 3.14 -6.02
CA GLN D 122 32.66 2.42 -5.62
C GLN D 122 33.12 2.87 -4.24
N CYS D 123 33.28 1.90 -3.34
CA CYS D 123 33.86 2.18 -2.04
C CYS D 123 35.30 1.67 -2.05
N TRP D 124 36.21 2.43 -1.45
CA TRP D 124 37.61 1.99 -1.40
C TRP D 124 38.35 2.55 -0.19
N SER D 125 39.43 1.89 0.17
CA SER D 125 40.23 2.27 1.33
C SER D 125 41.63 1.69 1.22
N ASP D 126 42.61 2.38 1.79
CA ASP D 126 43.94 1.78 1.90
C ASP D 126 44.05 0.91 3.15
N ILE D 127 42.98 0.88 3.95
CA ILE D 127 42.83 -0.11 5.00
C ILE D 127 42.24 -1.36 4.35
N MET D 128 42.74 -2.53 4.71
CA MET D 128 42.16 -3.76 4.20
C MET D 128 40.86 -4.09 4.95
N PHE D 129 39.74 -3.80 4.31
CA PHE D 129 38.43 -4.16 4.84
C PHE D 129 38.00 -5.47 4.21
N GLU D 130 37.48 -6.37 5.04
CA GLU D 130 36.99 -7.66 4.54
C GLU D 130 35.67 -7.49 3.82
N HIS D 131 34.83 -6.60 4.34
CA HIS D 131 33.55 -6.31 3.70
C HIS D 131 33.33 -4.81 3.57
N PHE D 132 32.51 -4.43 2.61
CA PHE D 132 32.04 -3.06 2.49
C PHE D 132 30.53 -3.05 2.59
N PHE D 133 30.00 -1.96 3.13
CA PHE D 133 28.57 -1.80 3.32
C PHE D 133 28.17 -0.48 2.69
N LEU D 134 27.07 -0.48 1.95
CA LEU D 134 26.60 0.74 1.34
C LEU D 134 25.24 1.01 1.95
N HIS D 135 25.03 2.23 2.41
CA HIS D 135 23.81 2.52 3.15
C HIS D 135 23.25 3.88 2.80
N LYS D 136 22.00 3.87 2.34
CA LYS D 136 21.28 5.10 2.06
C LYS D 136 20.67 5.71 3.34
N GLU D 137 20.90 7.01 3.51
CA GLU D 137 20.42 7.77 4.66
C GLU D 137 18.89 7.71 4.76
N GLY D 138 18.37 7.45 5.97
CA GLY D 138 16.95 7.51 6.20
C GLY D 138 16.54 6.56 7.30
N ILE D 139 15.23 6.41 7.52
CA ILE D 139 14.79 5.60 8.63
C ILE D 139 14.70 4.17 8.13
N SER D 140 14.90 3.21 9.04
CA SER D 140 14.72 1.80 8.75
C SER D 140 15.27 1.38 7.39
N LYS D 141 16.46 1.85 6.99
CA LYS D 141 16.96 1.28 5.76
C LYS D 141 18.12 0.31 5.97
N ASP D 142 18.02 -0.81 5.25
CA ASP D 142 18.99 -1.88 5.18
C ASP D 142 20.27 -1.52 4.40
N PRO D 143 21.45 -1.89 4.91
CA PRO D 143 22.61 -1.65 4.02
C PRO D 143 22.94 -2.83 3.09
N SER D 144 23.50 -2.54 1.92
CA SER D 144 23.98 -3.58 1.00
C SER D 144 25.40 -4.00 1.38
N ARG D 145 25.71 -5.29 1.33
CA ARG D 145 27.06 -5.73 1.68
C ARG D 145 27.77 -6.40 0.49
N LEU D 146 29.06 -6.11 0.34
CA LEU D 146 29.90 -6.80 -0.64
C LEU D 146 31.23 -7.13 -0.01
N VAL D 147 31.85 -8.24 -0.41
CA VAL D 147 33.20 -8.53 0.05
C VAL D 147 34.18 -7.56 -0.62
N GLY D 148 35.19 -7.13 0.11
CA GLY D 148 36.18 -6.23 -0.46
C GLY D 148 37.14 -7.05 -1.30
N GLN D 149 37.71 -6.43 -2.33
CA GLN D 149 38.70 -7.14 -3.13
C GLN D 149 40.02 -6.38 -3.14
N ILE D 150 41.11 -7.10 -2.88
CA ILE D 150 42.42 -6.48 -2.77
C ILE D 150 43.23 -6.44 -4.08
N HIS D 151 43.83 -5.30 -4.32
CA HIS D 151 44.57 -5.08 -5.52
C HIS D 151 45.41 -3.81 -5.38
N ASP D 152 46.72 -3.97 -5.42
CA ASP D 152 47.65 -2.84 -5.46
C ASP D 152 47.56 -1.90 -4.26
N GLY D 153 47.34 -2.46 -3.08
CA GLY D 153 47.31 -1.70 -1.85
C GLY D 153 46.02 -1.01 -1.43
N VAL D 154 44.91 -1.40 -2.03
CA VAL D 154 43.62 -0.90 -1.60
C VAL D 154 42.64 -2.06 -1.59
N SER D 155 41.60 -1.96 -0.76
CA SER D 155 40.48 -2.86 -0.88
C SER D 155 39.30 -2.04 -1.37
N LYS D 156 38.41 -2.67 -2.13
CA LYS D 156 37.36 -1.92 -2.79
C LYS D 156 36.21 -2.84 -3.18
N ALA D 157 35.05 -2.21 -3.41
CA ALA D 157 33.87 -2.93 -3.86
C ALA D 157 33.05 -2.02 -4.76
N ASN D 158 32.34 -2.63 -5.71
CA ASN D 158 31.46 -1.89 -6.60
C ASN D 158 30.02 -2.17 -6.38
N PHE D 159 29.29 -1.16 -5.90
CA PHE D 159 27.88 -1.36 -5.73
C PHE D 159 27.20 -0.85 -6.99
N SER D 160 26.42 -1.72 -7.62
CA SER D 160 25.67 -1.33 -8.80
C SER D 160 24.27 -0.88 -8.38
N ILE D 161 23.88 0.30 -8.81
CA ILE D 161 22.58 0.83 -8.42
C ILE D 161 21.81 1.07 -9.71
N GLY D 162 20.63 0.48 -9.81
CA GLY D 162 19.74 0.74 -10.93
C GLY D 162 19.05 -0.50 -11.47
N PRO D 163 18.23 -0.36 -12.52
CA PRO D 163 17.85 0.86 -13.24
C PRO D 163 17.26 1.94 -12.34
N MET D 164 17.72 3.17 -12.52
CA MET D 164 17.48 4.25 -11.58
C MET D 164 16.03 4.70 -11.48
N MET D 165 15.53 4.75 -10.25
CA MET D 165 14.24 5.34 -9.93
C MET D 165 14.29 6.01 -8.57
N LEU D 166 13.21 6.71 -8.22
CA LEU D 166 13.16 7.54 -7.02
C LEU D 166 13.55 6.84 -5.72
N ALA D 167 13.10 5.59 -5.56
CA ALA D 167 13.35 4.85 -4.33
C ALA D 167 14.85 4.61 -4.11
N LEU D 168 15.61 4.67 -5.19
CA LEU D 168 17.05 4.45 -5.14
C LEU D 168 17.83 5.75 -4.91
N ALA D 169 17.15 6.88 -5.04
CA ALA D 169 17.79 8.19 -4.92
C ALA D 169 17.90 8.64 -3.47
N GLY D 170 18.99 9.32 -3.14
CA GLY D 170 19.18 9.88 -1.82
C GLY D 170 20.65 10.03 -1.46
N THR D 171 20.93 10.20 -0.17
CA THR D 171 22.29 10.38 0.29
C THR D 171 22.87 9.05 0.72
N TYR D 172 24.02 8.69 0.14
CA TYR D 172 24.63 7.39 0.42
C TYR D 172 25.94 7.57 1.18
N ARG D 173 26.23 6.61 2.06
CA ARG D 173 27.54 6.55 2.69
C ARG D 173 28.00 5.10 2.63
N CYS D 174 29.30 4.88 2.67
CA CYS D 174 29.80 3.51 2.72
C CYS D 174 30.71 3.27 3.91
N TYR D 175 30.84 2.01 4.29
CA TYR D 175 31.55 1.65 5.50
C TYR D 175 32.34 0.41 5.17
N GLY D 176 33.44 0.21 5.89
CA GLY D 176 34.15 -1.05 5.84
C GLY D 176 34.07 -1.72 7.20
N SER D 177 34.23 -3.04 7.23
CA SER D 177 34.43 -3.64 8.52
C SER D 177 35.64 -4.56 8.42
N VAL D 178 36.38 -4.71 9.50
CA VAL D 178 37.50 -5.61 9.43
C VAL D 178 37.36 -6.97 10.04
N THR D 179 38.20 -7.86 9.55
CA THR D 179 38.10 -9.27 9.86
C THR D 179 37.94 -9.44 11.39
N HIS D 180 37.21 -10.45 11.79
CA HIS D 180 36.74 -10.74 13.15
C HIS D 180 35.80 -9.82 13.94
N THR D 181 35.33 -8.71 13.36
CA THR D 181 34.37 -7.84 14.03
C THR D 181 33.40 -7.41 12.95
N PRO D 182 32.64 -8.37 12.38
CA PRO D 182 31.79 -8.09 11.23
C PRO D 182 30.63 -7.15 11.49
N TYR D 183 30.25 -6.95 12.74
CA TYR D 183 29.15 -6.03 13.04
C TYR D 183 29.64 -4.65 13.43
N GLN D 184 30.95 -4.49 13.48
CA GLN D 184 31.58 -3.21 13.79
C GLN D 184 32.01 -2.52 12.50
N LEU D 185 31.37 -1.39 12.19
CA LEU D 185 31.70 -0.66 10.99
C LEU D 185 32.65 0.52 11.22
N SER D 186 33.33 0.91 10.15
CA SER D 186 34.19 2.09 10.16
C SER D 186 33.36 3.35 10.38
N ALA D 187 34.04 4.48 10.57
CA ALA D 187 33.40 5.78 10.38
C ALA D 187 32.83 5.81 8.96
N PRO D 188 31.71 6.53 8.75
CA PRO D 188 31.16 6.59 7.40
C PRO D 188 32.05 7.38 6.46
N SER D 189 32.05 6.98 5.18
CA SER D 189 32.63 7.79 4.13
C SER D 189 31.92 9.13 4.07
N ASP D 190 32.59 10.12 3.46
CA ASP D 190 31.91 11.34 3.06
C ASP D 190 30.69 10.96 2.23
N PRO D 191 29.59 11.72 2.37
CA PRO D 191 28.33 11.33 1.73
C PRO D 191 28.29 11.71 0.26
N LEU D 192 27.46 11.00 -0.49
CA LEU D 192 27.30 11.26 -1.91
C LEU D 192 25.80 11.36 -2.15
N ASP D 193 25.35 12.46 -2.75
CA ASP D 193 23.93 12.59 -3.05
C ASP D 193 23.70 12.01 -4.43
N ILE D 194 22.89 10.96 -4.52
CA ILE D 194 22.61 10.38 -5.82
C ILE D 194 21.21 10.82 -6.22
N VAL D 195 21.13 11.57 -7.31
CA VAL D 195 19.90 12.23 -7.71
C VAL D 195 19.43 11.62 -9.01
N VAL D 196 18.13 11.37 -9.12
CA VAL D 196 17.58 10.87 -10.37
C VAL D 196 17.04 12.03 -11.20
N THR D 197 17.35 12.02 -12.49
CA THR D 197 16.90 13.08 -13.39
C THR D 197 15.88 12.54 -14.37
N GLY D 198 14.82 13.31 -14.59
CA GLY D 198 13.73 12.87 -15.43
C GLY D 198 12.68 12.15 -14.62
N PRO D 199 11.48 11.98 -15.19
CA PRO D 199 11.20 12.32 -16.58
C PRO D 199 10.65 13.73 -16.76
N TYR D 200 10.61 14.52 -15.68
CA TYR D 200 10.04 15.86 -15.74
C TYR D 200 10.73 16.70 -16.82
N GLU D 201 9.94 17.50 -17.53
CA GLU D 201 10.43 18.19 -18.72
C GLU D 201 11.55 19.18 -18.40
N LYS D 202 12.53 19.24 -19.28
CA LYS D 202 13.69 20.09 -19.06
C LYS D 202 13.28 21.56 -19.08
N PRO D 203 13.87 22.36 -18.18
CA PRO D 203 13.70 23.82 -18.22
C PRO D 203 14.57 24.47 -19.29
N SER D 204 14.44 25.79 -19.42
CA SER D 204 15.24 26.57 -20.35
C SER D 204 16.24 27.39 -19.54
N LEU D 205 17.47 27.51 -20.04
CA LEU D 205 18.48 28.30 -19.36
C LEU D 205 18.86 29.45 -20.27
N SER D 206 18.99 30.64 -19.70
CA SER D 206 19.41 31.82 -20.46
C SER D 206 20.26 32.78 -19.62
N ALA D 207 20.96 33.69 -20.30
CA ALA D 207 21.81 34.66 -19.63
C ALA D 207 21.33 36.09 -19.87
N GLN D 208 21.43 36.92 -18.83
CA GLN D 208 21.08 38.34 -18.91
C GLN D 208 22.25 39.17 -18.42
N PRO D 209 22.76 40.08 -19.29
CA PRO D 209 22.21 40.42 -20.62
C PRO D 209 22.45 39.36 -21.69
N GLY D 210 23.46 38.54 -21.49
CA GLY D 210 23.83 37.51 -22.45
C GLY D 210 24.99 36.71 -21.88
N PRO D 211 25.41 35.65 -22.59
CA PRO D 211 26.50 34.83 -22.03
C PRO D 211 27.90 35.42 -22.19
N LYS D 212 28.03 36.50 -22.96
CA LYS D 212 29.32 37.16 -23.13
C LYS D 212 29.50 38.24 -22.07
N VAL D 213 30.46 38.03 -21.16
CA VAL D 213 30.73 38.97 -20.10
C VAL D 213 32.23 39.19 -19.94
N GLN D 214 32.62 40.41 -19.59
CA GLN D 214 34.00 40.69 -19.28
C GLN D 214 34.07 41.37 -17.92
N ALA D 215 35.01 40.93 -17.10
CA ALA D 215 35.21 41.47 -15.76
C ALA D 215 35.36 42.98 -15.86
N GLY D 216 34.66 43.73 -15.05
CA GLY D 216 33.79 43.21 -14.00
C GLY D 216 32.38 43.76 -14.08
N GLU D 217 31.58 43.12 -14.89
CA GLU D 217 30.20 43.50 -15.05
C GLU D 217 29.31 42.33 -14.74
N SER D 218 28.07 42.61 -14.34
CA SER D 218 27.20 41.58 -13.77
C SER D 218 26.50 40.73 -14.83
N VAL D 219 26.33 39.44 -14.53
CA VAL D 219 25.54 38.55 -15.37
C VAL D 219 24.64 37.61 -14.55
N THR D 220 23.37 37.54 -14.93
CA THR D 220 22.40 36.69 -14.25
C THR D 220 21.95 35.57 -15.18
N LEU D 221 21.99 34.32 -14.68
CA LEU D 221 21.42 33.22 -15.44
C LEU D 221 20.01 32.92 -14.96
N SER D 222 19.10 32.73 -15.92
CA SER D 222 17.71 32.45 -15.55
C SER D 222 17.31 31.05 -16.01
N CYS D 223 16.73 30.29 -15.11
CA CYS D 223 16.14 28.99 -15.37
C CYS D 223 14.63 29.12 -15.45
N SER D 224 14.02 28.63 -16.52
CA SER D 224 12.60 28.88 -16.73
C SER D 224 11.88 27.66 -17.29
N SER D 225 10.61 27.52 -16.93
CA SER D 225 9.78 26.43 -17.42
C SER D 225 8.30 26.79 -17.36
N ARG D 226 7.50 26.14 -18.20
CA ARG D 226 6.05 26.21 -18.09
C ARG D 226 5.55 25.26 -17.01
N SER D 227 6.40 24.29 -16.64
CA SER D 227 6.08 23.38 -15.55
C SER D 227 6.25 24.10 -14.21
N SER D 228 5.39 23.76 -13.26
CA SER D 228 5.38 24.44 -11.96
C SER D 228 6.44 23.91 -10.99
N TYR D 229 7.71 23.97 -11.39
CA TYR D 229 8.81 23.64 -10.49
C TYR D 229 8.82 24.60 -9.29
N ASP D 230 9.20 24.09 -8.12
CA ASP D 230 9.24 24.92 -6.93
C ASP D 230 10.62 25.48 -6.67
N MET D 231 11.63 24.80 -7.20
CA MET D 231 13.01 25.19 -6.99
C MET D 231 13.81 24.92 -8.26
N TYR D 232 14.85 25.72 -8.49
CA TYR D 232 15.78 25.41 -9.57
C TYR D 232 17.19 25.19 -9.04
N HIS D 233 17.92 24.31 -9.71
CA HIS D 233 19.29 23.99 -9.37
C HIS D 233 20.16 24.38 -10.55
N LEU D 234 21.15 25.21 -10.30
CA LEU D 234 22.09 25.61 -11.32
C LEU D 234 23.40 24.87 -11.10
N SER D 235 23.79 24.10 -12.11
CA SER D 235 25.04 23.35 -12.05
C SER D 235 26.01 23.81 -13.14
N ARG D 236 27.25 24.01 -12.73
CA ARG D 236 28.33 24.36 -13.64
C ARG D 236 29.22 23.13 -13.73
N GLU D 237 29.43 22.64 -14.95
CA GLU D 237 30.35 21.54 -15.21
C GLU D 237 31.63 21.74 -14.41
N GLY D 238 32.11 20.64 -13.83
CA GLY D 238 33.33 20.67 -13.07
C GLY D 238 33.13 20.42 -11.58
N GLY D 239 31.90 20.10 -11.16
CA GLY D 239 31.72 19.53 -9.84
C GLY D 239 31.92 20.43 -8.62
N ALA D 240 31.56 21.71 -8.71
CA ALA D 240 31.13 22.39 -7.49
C ALA D 240 29.63 22.39 -7.32
N HIS D 241 29.21 22.05 -6.10
CA HIS D 241 27.80 21.89 -5.78
C HIS D 241 26.86 22.98 -6.23
N GLU D 242 25.76 22.53 -6.83
CA GLU D 242 24.79 23.37 -7.51
C GLU D 242 24.28 24.46 -6.59
N ARG D 243 23.93 25.61 -7.15
CA ARG D 243 23.24 26.64 -6.39
C ARG D 243 21.74 26.36 -6.48
N ARG D 244 20.99 26.73 -5.45
CA ARG D 244 19.55 26.50 -5.48
C ARG D 244 18.79 27.77 -5.18
N LEU D 245 17.67 27.95 -5.87
CA LEU D 245 16.82 29.10 -5.64
C LEU D 245 15.36 28.72 -5.85
N PRO D 246 14.44 29.38 -5.12
CA PRO D 246 13.01 29.11 -5.29
C PRO D 246 12.57 29.59 -6.65
N ALA D 247 11.60 28.90 -7.24
CA ALA D 247 11.01 29.34 -8.50
C ALA D 247 9.93 30.38 -8.24
N VAL D 248 9.81 31.34 -9.15
CA VAL D 248 8.81 32.38 -9.02
C VAL D 248 7.92 32.41 -10.27
N ARG D 249 6.61 32.50 -10.06
CA ARG D 249 5.68 32.54 -11.17
C ARG D 249 5.63 33.92 -11.81
N LYS D 250 5.72 33.96 -13.13
CA LYS D 250 5.72 35.20 -13.90
C LYS D 250 4.35 35.43 -14.51
N VAL D 251 4.13 36.62 -15.05
CA VAL D 251 2.81 36.95 -15.58
C VAL D 251 2.33 36.05 -16.72
N ASN D 252 3.23 35.65 -17.63
CA ASN D 252 2.83 34.77 -18.72
C ASN D 252 2.78 33.29 -18.28
N ARG D 253 2.81 33.08 -16.96
CA ARG D 253 2.63 31.75 -16.36
C ARG D 253 3.84 30.82 -16.35
N THR D 254 5.00 31.33 -16.71
CA THR D 254 6.20 30.53 -16.58
C THR D 254 6.70 30.59 -15.14
N PHE D 255 7.59 29.65 -14.80
CA PHE D 255 8.19 29.59 -13.48
C PHE D 255 9.70 29.75 -13.63
N GLN D 256 10.26 30.68 -12.87
CA GLN D 256 11.61 31.17 -13.15
C GLN D 256 12.39 31.51 -11.89
N ALA D 257 13.69 31.24 -11.94
CA ALA D 257 14.64 31.71 -10.94
C ALA D 257 15.83 32.39 -11.60
N ASP D 258 16.31 33.46 -10.99
CA ASP D 258 17.43 34.22 -11.53
C ASP D 258 18.65 34.08 -10.63
N PHE D 259 19.67 33.40 -11.12
CA PHE D 259 20.93 33.28 -10.38
C PHE D 259 21.93 34.34 -10.82
N PRO D 260 22.13 35.38 -10.01
CA PRO D 260 23.19 36.35 -10.32
C PRO D 260 24.56 35.74 -10.00
N LEU D 261 25.49 35.78 -10.95
CA LEU D 261 26.79 35.15 -10.74
C LEU D 261 27.79 36.10 -10.09
N GLY D 267 34.35 31.70 -16.32
CA GLY D 267 33.01 31.46 -16.83
C GLY D 267 32.57 30.02 -16.61
N GLY D 268 32.06 29.39 -17.65
CA GLY D 268 31.83 27.95 -17.63
C GLY D 268 30.56 27.52 -18.34
N THR D 269 30.38 26.21 -18.44
CA THR D 269 29.22 25.62 -19.12
C THR D 269 28.18 25.17 -18.10
N TYR D 270 26.98 25.72 -18.20
CA TYR D 270 25.98 25.55 -17.15
C TYR D 270 24.79 24.76 -17.66
N ARG D 271 24.08 24.15 -16.72
CA ARG D 271 22.80 23.52 -16.98
C ARG D 271 21.95 23.76 -15.74
N CYS D 272 20.62 23.74 -15.88
CA CYS D 272 19.73 23.87 -14.76
C CYS D 272 18.68 22.73 -14.74
N PHE D 273 18.14 22.44 -13.57
CA PHE D 273 17.20 21.37 -13.35
C PHE D 273 16.09 21.94 -12.49
N GLY D 274 14.86 21.50 -12.71
CA GLY D 274 13.81 21.86 -11.78
C GLY D 274 13.58 20.77 -10.77
N SER D 275 13.02 21.14 -9.63
CA SER D 275 12.57 20.16 -8.65
C SER D 275 11.38 20.69 -7.86
N PHE D 276 10.84 19.84 -6.99
CA PHE D 276 9.62 20.17 -6.26
C PHE D 276 9.82 20.13 -4.76
N ARG D 277 8.88 20.76 -4.07
CA ARG D 277 8.82 20.77 -2.60
C ARG D 277 8.89 19.36 -2.02
N HIS D 278 9.65 19.22 -0.93
CA HIS D 278 9.79 17.96 -0.21
C HIS D 278 10.38 16.80 -1.03
N SER D 279 11.02 17.13 -2.14
CA SER D 279 11.49 16.11 -3.07
C SER D 279 12.89 16.43 -3.62
N PRO D 280 13.90 16.47 -2.74
CA PRO D 280 15.20 17.03 -3.12
C PRO D 280 16.07 16.10 -3.99
N TYR D 281 15.71 14.83 -4.12
CA TYR D 281 16.55 13.90 -4.89
C TYR D 281 15.96 13.46 -6.22
N GLU D 282 14.92 14.14 -6.67
CA GLU D 282 14.42 13.89 -8.02
C GLU D 282 14.35 15.22 -8.78
N TRP D 283 15.12 15.29 -9.86
CA TRP D 283 15.18 16.51 -10.64
C TRP D 283 14.66 16.27 -12.05
N SER D 284 14.36 17.37 -12.73
CA SER D 284 13.91 17.33 -14.11
C SER D 284 15.04 16.82 -14.99
N ASP D 285 14.73 16.53 -16.25
CA ASP D 285 15.76 16.40 -17.27
C ASP D 285 16.60 17.68 -17.26
N PRO D 286 17.88 17.59 -17.60
CA PRO D 286 18.69 18.81 -17.59
C PRO D 286 18.32 19.73 -18.75
N SER D 287 18.35 21.04 -18.50
CA SER D 287 18.23 22.02 -19.58
C SER D 287 19.30 21.75 -20.64
N ASP D 288 19.15 22.35 -21.81
CA ASP D 288 20.28 22.39 -22.74
C ASP D 288 21.41 23.18 -22.09
N PRO D 289 22.66 22.87 -22.48
CA PRO D 289 23.81 23.56 -21.90
C PRO D 289 23.90 25.00 -22.37
N LEU D 290 24.45 25.86 -21.53
CA LEU D 290 24.72 27.24 -21.88
C LEU D 290 26.16 27.56 -21.49
N LEU D 291 26.92 28.05 -22.46
CA LEU D 291 28.32 28.45 -22.26
C LEU D 291 28.48 29.95 -21.97
N VAL D 292 28.97 30.25 -20.77
CA VAL D 292 29.23 31.59 -20.31
C VAL D 292 30.71 31.84 -20.41
N SER D 293 31.06 32.98 -21.01
CA SER D 293 32.44 33.42 -21.25
C SER D 293 32.73 34.79 -20.71
N VAL D 294 33.91 34.89 -20.14
CA VAL D 294 34.27 36.01 -19.35
C VAL D 294 35.24 36.94 -20.08
C1 NAG E . 22.08 -13.43 11.71
C2 NAG E . 22.58 -13.71 10.30
C3 NAG E . 21.66 -14.55 9.46
C4 NAG E . 21.26 -15.73 10.25
C5 NAG E . 20.59 -15.26 11.52
C6 NAG E . 20.14 -16.50 12.25
C7 NAG E . 24.14 -12.28 9.57
C8 NAG E . 24.61 -11.05 8.86
N2 NAG E . 22.88 -12.51 9.63
O3 NAG E . 22.21 -14.95 8.23
O4 NAG E . 20.25 -16.29 9.51
O5 NAG E . 21.42 -14.49 12.34
O6 NAG E . 19.26 -16.21 13.27
O7 NAG E . 24.86 -13.06 10.08
C1 NAG F . 34.29 -1.06 -10.83
C2 NAG F . 35.19 -1.89 -11.73
C3 NAG F . 36.31 -1.07 -12.37
C4 NAG F . 35.74 0.21 -12.92
C5 NAG F . 34.73 0.84 -12.04
C6 NAG F . 34.23 1.95 -12.96
C7 NAG F . 36.51 -3.01 -10.03
C8 NAG F . 36.93 -4.32 -9.44
N2 NAG F . 35.69 -3.08 -11.06
O3 NAG F . 36.80 -1.83 -13.48
O4 NAG F . 36.64 1.28 -13.01
O5 NAG F . 33.77 -0.09 -11.66
O6 NAG F . 33.26 1.50 -13.86
O7 NAG F . 36.95 -1.97 -9.57
C1 NAG G . 7.66 34.89 -20.03
C2 NAG G . 8.66 34.56 -21.14
C3 NAG G . 10.07 34.68 -20.68
C4 NAG G . 10.12 36.02 -20.08
C5 NAG G . 9.44 35.84 -18.75
C6 NAG G . 9.84 36.96 -17.81
C7 NAG G . 7.61 33.03 -22.59
C8 NAG G . 7.44 31.65 -23.10
N2 NAG G . 8.48 33.24 -21.64
O3 NAG G . 10.97 34.69 -21.72
O4 NAG G . 11.43 36.39 -19.92
O5 NAG G . 8.10 35.83 -19.06
O6 NAG G . 9.66 38.15 -18.46
O7 NAG G . 6.91 33.92 -23.04
#